data_9J9Z
#
_entry.id   9J9Z
#
_cell.length_a   1.00
_cell.length_b   1.00
_cell.length_c   1.00
_cell.angle_alpha   90.00
_cell.angle_beta   90.00
_cell.angle_gamma   90.00
#
_symmetry.space_group_name_H-M   'P 1'
#
loop_
_entity.id
_entity.type
_entity.pdbx_description
1 polymer 'anti-BRIL Fab Heavy chain'
2 polymer 'anti-BRIL Fab Nanobody'
3 polymer 'anti-BRIL Fab Light chain'
4 polymer 'Muropeptide transporter,Soluble cytochrome b562'
5 non-polymer '(2R)-2-[[(1R,2S,3R,4R,5R)-4-acetamido-2-[(2S,3R,4R,5S,6R)-3-acetamido-6-(hydroxymethyl)-4,5-bis(oxidanyl)oxan-2-yl]oxy-6,8-dioxabicyclo[3.2.1]octan-3-yl]oxy]propanoic acid'
#
loop_
_entity_poly.entity_id
_entity_poly.type
_entity_poly.pdbx_seq_one_letter_code
_entity_poly.pdbx_strand_id
1 'polypeptide(L)'
;EVQLVESGGGLVQPGGSLRLSCAASGFNVVDFSLHWVRQAPGKGLEWVAYISSSSGSTSYADSVKGRFTISADTSKNTAY
LQMNSLRAEDTAVYYCARWGYWPGEPWWKAFDYWGQGTLVTVSSASTKGPSVFPLAPSSKSTSGGTAALGCLVKDYFPEP
VTVSWNSGALTSGVHTFPAVLQSSGLYSLSSVVTVPSSSLGTQTYICNVNHKPSNTKVDKKVEPK
;
H
2 'polypeptide(L)'
;QVQLQESGGGLVQPGGSLRLSCAASGRTISRYAMSWFRQAPGKEREFVAVARRSGDGAFYADSVQGRFTVSRDDAKNTVY
LQMNSLKPEDTAVYYCAIDSDTFYSGSYDYWGQGTQVTVS
;
K
3 'polypeptide(L)'
;DIQMTQSPSSLSASVGDRVTITCRASQSVSSAVAWYQQKPGKAPKLLIYSASSLYSGVPSRFSGSRSGTDFTLTISSLQP
EDFATYYCQQYLYYSLVTFGQGTKVEIKRTVAAPSVFIFPPSDSQLKSGTASVVCLLNNFYPREAKVQWKVDNALQSGNS
QESVTEQDSKDSTYSLSSTLTLSKADYEKHKVYACEVTHQGLSSPVTKSFNR
;
L
4 'polypeptide(L)'
;YLRIFQQPKSAILLILGFASGLPLALTSGTLQAWMTVENIDLKTIWFFSLVGQAYVFKFLWSPVMDRYTPPFLGRRRGWL
VTTQILLLIAIAAMGFLEPGTQLRWMAALAVVIAFCSASQDIVFDAWKTDVLPAEERGTGAAISVLGYRLGMLVSGGLAL
WMADKWLGWQGMYWLMAALLVPCIIATLLAPEPSADLADNWETLNDNLKVIEKADNAAQVKDALTKMRAAALDAQKATPP
KLEDKSPDSPEMKDFRHGFDILVGQIDDALKLANEGKVKEAQAAAEQLKTTRNAYIQKYLGVPRTLEQAVVAPLRDFFGR
NNAWLILLLIVLYKLGDAFAMSLTTTFLIRGVGFDAGEVGMVNKTLGWIATIIGALYGGVLMQRLSLFRALLIFGILQGV
SNAGYWLLSITDKHLMSMAVAVFFENLCGGMGTAAFVALLMTLCNKSFSATQFALLSALSAVGRVYVGPIAGWFVEAHGW
PTFYLFSVFAAVPGILLLLICRKTLEYTQQTESFMMRRHFSGAYQFALYLLLLGCLLLALWLIMLALNAIDYTSFSFLAG
LLEVAALIAIAGVLLGAILDYLALRRTEE
;
A
#
# COMPACT_ATOMS: atom_id res chain seq x y z
N GLU A 1 26.56 -20.81 1.29
CA GLU A 1 27.37 -21.97 0.93
C GLU A 1 26.55 -23.25 0.97
N VAL A 2 25.22 -23.10 0.94
CA VAL A 2 24.31 -24.23 1.02
C VAL A 2 23.46 -24.26 -0.24
N GLN A 3 22.95 -25.45 -0.54
CA GLN A 3 22.08 -25.61 -1.69
C GLN A 3 21.24 -26.88 -1.52
N LEU A 4 20.11 -26.92 -2.23
CA LEU A 4 19.20 -28.06 -2.21
C LEU A 4 19.06 -28.58 -3.64
N VAL A 5 19.96 -29.47 -4.03
CA VAL A 5 19.91 -30.06 -5.36
C VAL A 5 18.88 -31.18 -5.37
N GLU A 6 17.98 -31.17 -6.35
CA GLU A 6 16.92 -32.17 -6.45
C GLU A 6 17.14 -33.03 -7.68
N SER A 7 17.08 -34.35 -7.48
CA SER A 7 17.37 -35.31 -8.53
C SER A 7 16.51 -36.55 -8.29
N GLY A 8 16.88 -37.65 -8.94
CA GLY A 8 16.16 -38.90 -8.77
C GLY A 8 16.00 -39.70 -10.04
N GLY A 9 16.64 -39.26 -11.13
CA GLY A 9 16.53 -39.98 -12.38
C GLY A 9 17.19 -41.34 -12.32
N GLY A 10 16.68 -42.25 -13.14
CA GLY A 10 17.21 -43.60 -13.15
C GLY A 10 16.35 -44.50 -14.03
N LEU A 11 16.54 -45.80 -13.87
CA LEU A 11 15.80 -46.81 -14.62
C LEU A 11 14.51 -47.10 -13.88
N VAL A 12 13.43 -46.43 -14.28
CA VAL A 12 12.12 -46.58 -13.66
C VAL A 12 11.07 -46.77 -14.75
N GLN A 13 9.98 -47.41 -14.37
CA GLN A 13 8.89 -47.64 -15.32
C GLN A 13 8.12 -46.35 -15.56
N PRO A 14 7.95 -45.93 -16.81
CA PRO A 14 7.19 -44.70 -17.08
C PRO A 14 5.71 -44.90 -16.78
N GLY A 15 5.05 -43.77 -16.52
CA GLY A 15 3.62 -43.82 -16.21
C GLY A 15 3.31 -44.54 -14.92
N GLY A 16 4.19 -44.42 -13.93
CA GLY A 16 3.96 -45.02 -12.63
C GLY A 16 3.90 -44.02 -11.52
N SER A 17 4.88 -44.05 -10.62
CA SER A 17 4.94 -43.11 -9.50
C SER A 17 6.38 -43.01 -9.04
N LEU A 18 6.87 -41.78 -8.94
CA LEU A 18 8.28 -41.59 -8.63
C LEU A 18 8.46 -40.67 -7.43
N ARG A 19 9.58 -40.87 -6.73
CA ARG A 19 9.92 -40.06 -5.58
C ARG A 19 11.03 -39.08 -5.96
N LEU A 20 10.87 -37.83 -5.54
CA LEU A 20 11.85 -36.80 -5.85
C LEU A 20 12.79 -36.64 -4.66
N SER A 21 14.09 -36.90 -4.87
CA SER A 21 15.08 -36.73 -3.83
C SER A 21 15.57 -35.28 -3.82
N CYS A 22 15.62 -34.69 -2.64
CA CYS A 22 16.11 -33.32 -2.46
C CYS A 22 17.33 -33.39 -1.54
N ALA A 23 18.51 -33.52 -2.14
CA ALA A 23 19.75 -33.56 -1.38
C ALA A 23 20.06 -32.17 -0.85
N ALA A 24 20.33 -32.10 0.45
CA ALA A 24 20.66 -30.85 1.12
C ALA A 24 22.15 -30.84 1.43
N SER A 25 22.86 -29.84 0.90
CA SER A 25 24.29 -29.68 1.12
C SER A 25 24.54 -28.39 1.87
N GLY A 26 25.51 -28.45 2.79
CA GLY A 26 25.89 -27.31 3.59
C GLY A 26 25.10 -27.14 4.86
N PHE A 27 24.05 -27.92 5.07
CA PHE A 27 23.25 -27.83 6.28
C PHE A 27 22.55 -29.16 6.50
N ASN A 28 22.39 -29.55 7.76
CA ASN A 28 21.74 -30.81 8.08
C ASN A 28 20.26 -30.74 7.73
N VAL A 29 19.72 -31.90 7.35
CA VAL A 29 18.32 -31.96 6.94
C VAL A 29 17.39 -31.80 8.14
N VAL A 30 17.88 -32.09 9.35
CA VAL A 30 17.03 -32.00 10.53
C VAL A 30 16.93 -30.59 11.07
N ASP A 31 17.87 -29.71 10.72
CA ASP A 31 17.86 -28.34 11.22
C ASP A 31 16.85 -27.46 10.50
N PHE A 32 16.40 -27.87 9.32
CA PHE A 32 15.48 -27.07 8.52
C PHE A 32 14.39 -27.98 7.99
N SER A 33 13.13 -27.57 8.16
CA SER A 33 12.02 -28.30 7.57
C SER A 33 11.96 -28.02 6.07
N LEU A 34 11.85 -29.09 5.30
CA LEU A 34 11.91 -28.99 3.85
C LEU A 34 10.51 -29.04 3.26
N HIS A 35 10.19 -28.05 2.43
CA HIS A 35 8.87 -27.91 1.84
C HIS A 35 8.98 -28.05 0.32
N TRP A 36 8.15 -28.92 -0.25
CA TRP A 36 8.07 -29.08 -1.68
C TRP A 36 7.03 -28.12 -2.22
N VAL A 37 7.48 -27.20 -3.07
CA VAL A 37 6.65 -26.18 -3.71
C VAL A 37 6.55 -26.54 -5.19
N ARG A 38 5.32 -26.62 -5.67
CA ARG A 38 5.02 -27.02 -7.03
C ARG A 38 4.65 -25.81 -7.86
N GLN A 39 5.36 -25.60 -8.97
CA GLN A 39 5.05 -24.53 -9.91
C GLN A 39 4.65 -25.18 -11.23
N ALA A 40 3.35 -25.20 -11.50
CA ALA A 40 2.87 -25.74 -12.76
C ALA A 40 3.31 -24.83 -13.91
N PRO A 41 3.65 -25.40 -15.07
CA PRO A 41 4.10 -24.57 -16.18
C PRO A 41 3.00 -23.62 -16.65
N GLY A 42 3.27 -22.32 -16.52
CA GLY A 42 2.34 -21.29 -16.93
C GLY A 42 1.61 -20.60 -15.80
N LYS A 43 1.63 -21.16 -14.59
CA LYS A 43 0.98 -20.53 -13.44
C LYS A 43 1.96 -20.52 -12.26
N GLY A 44 1.51 -19.90 -11.16
CA GLY A 44 2.39 -19.59 -10.06
C GLY A 44 2.64 -20.75 -9.13
N LEU A 45 3.38 -20.45 -8.05
CA LEU A 45 3.78 -21.46 -7.09
C LEU A 45 2.58 -21.96 -6.29
N GLU A 46 2.74 -23.16 -5.75
CA GLU A 46 1.69 -23.79 -4.94
C GLU A 46 2.35 -24.76 -3.99
N TRP A 47 2.33 -24.45 -2.70
CA TRP A 47 2.93 -25.31 -1.69
C TRP A 47 2.26 -26.67 -1.71
N VAL A 48 3.05 -27.72 -1.91
CA VAL A 48 2.54 -29.06 -2.10
C VAL A 48 2.65 -29.89 -0.82
N ALA A 49 3.79 -29.82 -0.15
CA ALA A 49 3.95 -30.66 1.03
C ALA A 49 5.13 -30.15 1.83
N TYR A 50 5.30 -30.72 3.03
CA TYR A 50 6.47 -30.39 3.83
C TYR A 50 6.70 -31.53 4.81
N ILE A 51 7.97 -31.64 5.23
CA ILE A 51 8.41 -32.57 6.26
C ILE A 51 9.28 -31.81 7.25
N SER A 52 9.06 -32.11 8.54
CA SER A 52 9.85 -31.59 9.64
C SER A 52 10.55 -32.79 10.26
N SER A 53 11.79 -33.05 9.77
CA SER A 53 12.57 -34.21 10.17
C SER A 53 12.93 -34.16 11.65
N SER A 54 12.84 -32.99 12.28
CA SER A 54 13.14 -32.89 13.70
C SER A 54 12.15 -33.70 14.54
N SER A 55 10.85 -33.61 14.21
CA SER A 55 9.81 -34.24 14.99
C SER A 55 8.96 -35.24 14.19
N GLY A 56 9.23 -35.40 12.89
CA GLY A 56 8.43 -36.26 12.05
C GLY A 56 7.17 -35.62 11.53
N SER A 57 6.98 -34.32 11.77
CA SER A 57 5.74 -33.69 11.34
C SER A 57 5.63 -33.65 9.82
N THR A 58 4.40 -33.74 9.31
CA THR A 58 4.20 -33.83 7.87
C THR A 58 2.87 -33.20 7.50
N SER A 59 2.86 -32.48 6.38
CA SER A 59 1.60 -31.90 5.92
C SER A 59 1.61 -31.84 4.40
N TYR A 60 0.41 -31.80 3.82
CA TYR A 60 0.25 -31.80 2.37
C TYR A 60 -0.81 -30.78 1.97
N ALA A 61 -0.88 -30.51 0.68
CA ALA A 61 -1.94 -29.69 0.13
C ALA A 61 -3.21 -30.52 -0.02
N ASP A 62 -4.34 -29.81 -0.20
CA ASP A 62 -5.61 -30.50 -0.38
C ASP A 62 -5.60 -31.32 -1.67
N SER A 63 -4.98 -30.79 -2.72
CA SER A 63 -4.95 -31.47 -4.02
C SER A 63 -3.97 -32.63 -4.08
N VAL A 64 -3.09 -32.78 -3.08
CA VAL A 64 -2.10 -33.85 -3.07
C VAL A 64 -2.23 -34.74 -1.85
N LYS A 65 -3.15 -34.45 -0.94
CA LYS A 65 -3.30 -35.28 0.26
C LYS A 65 -3.83 -36.65 -0.12
N GLY A 66 -3.23 -37.69 0.46
CA GLY A 66 -3.61 -39.06 0.23
C GLY A 66 -2.90 -39.73 -0.93
N ARG A 67 -2.27 -38.95 -1.82
CA ARG A 67 -1.52 -39.50 -2.94
C ARG A 67 -0.03 -39.30 -2.82
N PHE A 68 0.41 -38.25 -2.13
CA PHE A 68 1.82 -37.98 -1.91
C PHE A 68 2.23 -38.50 -0.55
N THR A 69 3.54 -38.73 -0.40
CA THR A 69 4.10 -39.04 0.91
C THR A 69 5.55 -38.55 0.93
N ILE A 70 5.79 -37.51 1.71
CA ILE A 70 7.10 -36.88 1.80
C ILE A 70 7.82 -37.41 3.03
N SER A 71 9.01 -37.95 2.82
CA SER A 71 9.83 -38.49 3.88
C SER A 71 11.18 -37.78 3.88
N ALA A 72 12.04 -38.14 4.83
CA ALA A 72 13.35 -37.51 4.92
C ALA A 72 14.32 -38.51 5.53
N ASP A 73 15.48 -38.67 4.90
CA ASP A 73 16.55 -39.54 5.38
C ASP A 73 17.65 -38.64 5.94
N THR A 74 17.77 -38.64 7.27
CA THR A 74 18.80 -37.85 7.94
C THR A 74 20.18 -38.45 7.77
N SER A 75 20.27 -39.76 7.49
CA SER A 75 21.57 -40.40 7.32
C SER A 75 22.30 -39.84 6.10
N LYS A 76 21.59 -39.68 4.98
CA LYS A 76 22.19 -39.16 3.76
C LYS A 76 21.84 -37.71 3.50
N ASN A 77 21.14 -37.06 4.43
CA ASN A 77 20.87 -35.63 4.37
C ASN A 77 20.09 -35.28 3.10
N THR A 78 18.94 -35.94 2.93
CA THR A 78 18.11 -35.67 1.76
C THR A 78 16.66 -35.93 2.10
N ALA A 79 15.78 -35.22 1.41
CA ALA A 79 14.34 -35.42 1.55
C ALA A 79 13.82 -36.18 0.34
N TYR A 80 12.58 -36.67 0.44
CA TYR A 80 11.95 -37.40 -0.64
C TYR A 80 10.49 -36.98 -0.70
N LEU A 81 9.94 -37.03 -1.91
CA LEU A 81 8.51 -36.78 -2.15
C LEU A 81 8.01 -37.88 -3.08
N GLN A 82 7.54 -38.99 -2.49
CA GLN A 82 7.02 -40.11 -3.27
C GLN A 82 5.62 -39.74 -3.73
N MET A 83 5.51 -39.32 -5.00
CA MET A 83 4.24 -38.90 -5.57
C MET A 83 3.64 -40.10 -6.31
N ASN A 84 2.43 -40.48 -5.86
CA ASN A 84 1.67 -41.60 -6.38
C ASN A 84 0.34 -41.13 -6.93
N SER A 85 -0.24 -41.96 -7.80
CA SER A 85 -1.50 -41.64 -8.49
C SER A 85 -1.41 -40.28 -9.18
N LEU A 86 -0.34 -40.09 -9.94
CA LEU A 86 -0.11 -38.83 -10.62
C LEU A 86 -1.21 -38.60 -11.67
N ARG A 87 -1.56 -37.34 -11.85
CA ARG A 87 -2.66 -36.96 -12.73
C ARG A 87 -2.15 -35.88 -13.67
N ALA A 88 -2.99 -35.50 -14.65
CA ALA A 88 -2.55 -34.61 -15.73
C ALA A 88 -2.00 -33.30 -15.21
N GLU A 89 -2.66 -32.69 -14.22
CA GLU A 89 -2.20 -31.41 -13.69
C GLU A 89 -1.12 -31.58 -12.62
N ASP A 90 -0.77 -32.81 -12.25
CA ASP A 90 0.34 -33.03 -11.33
C ASP A 90 1.68 -32.65 -11.92
N THR A 91 1.76 -32.45 -13.23
CA THR A 91 3.01 -32.04 -13.86
C THR A 91 3.39 -30.62 -13.45
N ALA A 92 4.63 -30.44 -13.03
CA ALA A 92 5.13 -29.14 -12.57
C ALA A 92 6.60 -29.26 -12.20
N VAL A 93 7.20 -28.12 -11.89
CA VAL A 93 8.56 -28.07 -11.37
C VAL A 93 8.48 -28.06 -9.85
N TYR A 94 9.16 -29.01 -9.22
CA TYR A 94 9.09 -29.22 -7.78
C TYR A 94 10.39 -28.70 -7.16
N TYR A 95 10.29 -27.50 -6.56
CA TYR A 95 11.40 -26.89 -5.83
C TYR A 95 11.31 -27.31 -4.37
N CYS A 96 12.34 -27.97 -3.88
CA CYS A 96 12.43 -28.33 -2.47
C CYS A 96 13.11 -27.18 -1.75
N ALA A 97 12.32 -26.31 -1.15
CA ALA A 97 12.83 -25.20 -0.37
C ALA A 97 13.04 -25.63 1.08
N ARG A 98 13.79 -24.84 1.81
CA ARG A 98 14.03 -25.07 3.22
C ARG A 98 13.37 -23.96 4.04
N TRP A 99 13.19 -24.24 5.33
CA TRP A 99 12.49 -23.31 6.21
C TRP A 99 12.94 -23.59 7.63
N GLY A 100 13.35 -22.54 8.34
CA GLY A 100 14.07 -22.70 9.57
C GLY A 100 13.22 -23.13 10.75
N TYR A 101 13.90 -23.28 11.88
CA TYR A 101 13.26 -23.62 13.14
C TYR A 101 12.43 -22.45 13.68
N TRP A 102 11.34 -22.80 14.35
CA TRP A 102 10.83 -21.78 15.27
C TRP A 102 11.33 -22.08 16.66
N PRO A 103 11.70 -21.08 17.48
CA PRO A 103 11.67 -19.64 17.25
C PRO A 103 12.92 -19.12 16.54
N GLY A 104 12.91 -17.87 16.12
CA GLY A 104 14.09 -17.21 15.61
C GLY A 104 13.86 -16.67 14.21
N GLU A 105 14.89 -15.99 13.72
CA GLU A 105 14.94 -15.45 12.37
C GLU A 105 14.99 -16.56 11.31
N PRO A 106 15.53 -17.75 11.59
CA PRO A 106 15.39 -18.84 10.61
C PRO A 106 13.96 -19.12 10.19
N TRP A 107 13.00 -19.06 11.12
CA TRP A 107 11.60 -19.24 10.74
C TRP A 107 11.11 -18.08 9.89
N TRP A 108 11.50 -16.86 10.24
CA TRP A 108 11.02 -15.70 9.50
C TRP A 108 11.61 -15.66 8.09
N LYS A 109 12.80 -16.23 7.90
CA LYS A 109 13.38 -16.39 6.57
C LYS A 109 12.76 -17.63 5.92
N ALA A 110 11.49 -17.47 5.54
CA ALA A 110 10.77 -18.57 4.90
C ALA A 110 11.33 -18.79 3.50
N PHE A 111 11.67 -20.05 3.20
CA PHE A 111 12.16 -20.43 1.89
C PHE A 111 13.35 -19.56 1.48
N ASP A 112 14.29 -19.40 2.41
CA ASP A 112 15.46 -18.57 2.12
C ASP A 112 16.36 -19.24 1.07
N TYR A 113 16.34 -20.56 0.99
CA TYR A 113 17.07 -21.29 -0.03
C TYR A 113 16.11 -22.27 -0.71
N TRP A 114 16.10 -22.26 -2.03
CA TRP A 114 15.31 -23.18 -2.83
C TRP A 114 16.23 -24.15 -3.57
N GLY A 115 15.64 -24.96 -4.42
CA GLY A 115 16.42 -25.81 -5.31
C GLY A 115 16.03 -25.54 -6.76
N GLN A 116 16.89 -25.93 -7.70
CA GLN A 116 16.65 -25.61 -9.10
C GLN A 116 15.35 -26.21 -9.62
N GLY A 117 14.88 -27.28 -8.99
CA GLY A 117 13.60 -27.85 -9.33
C GLY A 117 13.69 -28.99 -10.31
N THR A 118 12.75 -29.92 -10.19
CA THR A 118 12.67 -31.03 -11.13
C THR A 118 11.33 -30.98 -11.86
N LEU A 119 11.36 -31.04 -13.21
CA LEU A 119 10.14 -30.96 -14.00
C LEU A 119 9.51 -32.34 -14.07
N VAL A 120 8.65 -32.63 -13.09
CA VAL A 120 7.86 -33.85 -13.11
C VAL A 120 6.78 -33.70 -14.17
N THR A 121 6.67 -34.69 -15.05
CA THR A 121 5.71 -34.62 -16.14
C THR A 121 5.23 -36.02 -16.48
N VAL A 122 4.06 -36.09 -17.11
CA VAL A 122 3.47 -37.34 -17.56
C VAL A 122 3.45 -37.33 -19.08
N SER A 123 4.01 -38.37 -19.70
CA SER A 123 4.24 -38.37 -21.13
C SER A 123 4.49 -39.81 -21.59
N SER A 124 4.98 -39.95 -22.82
CA SER A 124 5.31 -41.24 -23.42
C SER A 124 6.73 -41.23 -23.98
N ALA A 125 7.63 -40.52 -23.29
CA ALA A 125 9.01 -40.41 -23.75
C ALA A 125 9.73 -41.75 -23.66
N SER A 126 10.70 -41.95 -24.54
CA SER A 126 11.47 -43.18 -24.60
C SER A 126 12.87 -42.85 -25.09
N THR A 127 13.63 -43.88 -25.47
CA THR A 127 14.97 -43.73 -25.98
C THR A 127 15.03 -44.22 -27.43
N LYS A 128 15.62 -43.41 -28.30
CA LYS A 128 15.76 -43.75 -29.70
C LYS A 128 17.01 -43.08 -30.25
N GLY A 129 17.47 -43.58 -31.40
CA GLY A 129 18.69 -43.10 -32.02
C GLY A 129 18.64 -41.62 -32.36
N PRO A 130 19.67 -40.88 -31.95
CA PRO A 130 19.74 -39.46 -32.28
C PRO A 130 20.26 -39.23 -33.68
N SER A 131 20.15 -37.97 -34.12
CA SER A 131 20.60 -37.59 -35.46
C SER A 131 21.03 -36.13 -35.41
N VAL A 132 22.34 -35.91 -35.39
CA VAL A 132 22.89 -34.55 -35.39
C VAL A 132 22.96 -34.05 -36.83
N PHE A 133 22.35 -32.90 -37.09
CA PHE A 133 22.25 -32.36 -38.44
C PHE A 133 22.80 -30.94 -38.45
N PRO A 134 23.83 -30.64 -39.23
CA PRO A 134 24.30 -29.26 -39.35
C PRO A 134 23.60 -28.49 -40.46
N LEU A 135 23.13 -27.28 -40.17
CA LEU A 135 22.54 -26.39 -41.16
C LEU A 135 23.63 -25.91 -42.09
N ALA A 136 23.67 -26.47 -43.29
CA ALA A 136 24.69 -26.09 -44.26
C ALA A 136 24.41 -24.68 -44.78
N PRO A 137 25.43 -23.82 -44.85
CA PRO A 137 25.22 -22.47 -45.41
C PRO A 137 25.09 -22.52 -46.93
N SER A 138 23.88 -22.78 -47.41
CA SER A 138 23.65 -22.92 -48.84
C SER A 138 23.94 -21.61 -49.56
N SER A 139 24.51 -21.72 -50.76
CA SER A 139 24.82 -20.54 -51.54
C SER A 139 23.56 -19.82 -52.01
N LYS A 140 22.50 -20.57 -52.31
CA LYS A 140 21.27 -19.96 -52.82
C LYS A 140 20.65 -19.03 -51.79
N SER A 141 20.62 -19.43 -50.52
CA SER A 141 20.04 -18.60 -49.47
C SER A 141 20.98 -17.45 -49.14
N THR A 142 20.43 -16.24 -49.09
CA THR A 142 21.16 -15.03 -48.71
C THR A 142 22.47 -14.91 -49.47
N SER A 143 22.38 -14.95 -50.79
CA SER A 143 23.56 -14.88 -51.64
C SER A 143 24.22 -13.50 -51.53
N GLY A 144 25.54 -13.49 -51.39
CA GLY A 144 26.29 -12.25 -51.35
C GLY A 144 26.31 -11.53 -50.03
N GLY A 145 25.66 -12.09 -49.00
CA GLY A 145 25.62 -11.44 -47.70
C GLY A 145 26.10 -12.34 -46.58
N THR A 146 25.29 -12.47 -45.53
CA THR A 146 25.62 -13.29 -44.36
C THR A 146 24.85 -14.60 -44.41
N ALA A 147 25.56 -15.70 -44.17
CA ALA A 147 24.90 -16.99 -44.23
C ALA A 147 24.23 -17.35 -42.91
N ALA A 148 23.35 -18.35 -42.93
CA ALA A 148 22.60 -18.76 -41.75
C ALA A 148 23.06 -20.17 -41.36
N LEU A 149 24.14 -20.24 -40.59
CA LEU A 149 24.71 -21.52 -40.19
C LEU A 149 24.06 -21.99 -38.90
N GLY A 150 24.22 -23.28 -38.59
CA GLY A 150 23.63 -23.81 -37.39
C GLY A 150 23.82 -25.32 -37.30
N CYS A 151 23.24 -25.88 -36.24
CA CYS A 151 23.30 -27.31 -35.97
C CYS A 151 22.12 -27.67 -35.09
N LEU A 152 21.65 -28.91 -35.20
CA LEU A 152 20.45 -29.32 -34.47
C LEU A 152 20.50 -30.80 -34.15
N VAL A 153 19.71 -31.19 -33.16
CA VAL A 153 19.54 -32.58 -32.77
C VAL A 153 18.05 -32.92 -32.83
N LYS A 154 17.74 -34.19 -32.61
CA LYS A 154 16.37 -34.69 -32.74
C LYS A 154 15.73 -35.07 -31.42
N ASP A 155 16.33 -36.01 -30.69
CA ASP A 155 15.67 -36.60 -29.52
C ASP A 155 16.73 -37.01 -28.51
N TYR A 156 16.30 -37.17 -27.27
CA TYR A 156 17.19 -37.60 -26.18
C TYR A 156 16.35 -37.87 -24.94
N PHE A 157 16.82 -38.83 -24.15
CA PHE A 157 16.26 -39.10 -22.82
C PHE A 157 16.80 -38.10 -21.80
N PRO A 158 18.12 -37.88 -21.71
CA PRO A 158 18.61 -36.84 -20.79
C PRO A 158 18.45 -35.46 -21.41
N GLU A 159 17.67 -34.60 -20.75
CA GLU A 159 17.37 -33.28 -21.30
C GLU A 159 18.62 -32.42 -21.57
N PRO A 160 19.62 -32.35 -20.70
CA PRO A 160 20.77 -31.47 -20.99
C PRO A 160 21.45 -31.81 -22.30
N VAL A 161 21.44 -30.85 -23.23
CA VAL A 161 22.14 -30.95 -24.50
C VAL A 161 22.60 -29.56 -24.89
N THR A 162 23.87 -29.44 -25.28
CA THR A 162 24.44 -28.13 -25.62
C THR A 162 25.04 -28.19 -27.01
N VAL A 163 24.59 -27.29 -27.89
CA VAL A 163 25.12 -27.15 -29.24
C VAL A 163 25.94 -25.87 -29.30
N SER A 164 27.16 -25.98 -29.80
CA SER A 164 28.05 -24.83 -29.86
C SER A 164 28.77 -24.79 -31.20
N TRP A 165 28.90 -23.58 -31.74
CA TRP A 165 29.65 -23.31 -32.96
C TRP A 165 30.92 -22.55 -32.58
N ASN A 166 32.05 -23.00 -33.13
CA ASN A 166 33.37 -22.50 -32.70
C ASN A 166 33.55 -22.67 -31.19
N SER A 167 33.10 -23.81 -30.68
CA SER A 167 33.09 -24.13 -29.25
C SER A 167 32.21 -23.17 -28.44
N GLY A 168 31.30 -22.45 -29.12
CA GLY A 168 30.44 -21.50 -28.44
C GLY A 168 31.17 -20.32 -27.83
N ALA A 169 32.23 -19.84 -28.49
CA ALA A 169 33.03 -18.74 -27.96
C ALA A 169 32.32 -17.40 -28.05
N LEU A 170 31.18 -17.32 -28.72
CA LEU A 170 30.48 -16.07 -28.93
C LEU A 170 29.12 -16.09 -28.24
N THR A 171 28.67 -14.91 -27.84
CA THR A 171 27.36 -14.73 -27.21
C THR A 171 26.38 -13.93 -28.07
N SER A 172 26.88 -13.05 -28.94
CA SER A 172 26.05 -12.26 -29.83
C SER A 172 25.97 -12.91 -31.20
N GLY A 173 24.76 -12.99 -31.75
CA GLY A 173 24.54 -13.59 -33.04
C GLY A 173 24.27 -15.07 -33.03
N VAL A 174 24.42 -15.72 -31.88
CA VAL A 174 24.13 -17.15 -31.72
C VAL A 174 22.94 -17.29 -30.80
N HIS A 175 21.95 -18.09 -31.22
CA HIS A 175 20.66 -18.18 -30.53
C HIS A 175 20.25 -19.64 -30.48
N THR A 176 20.54 -20.31 -29.38
CA THR A 176 20.06 -21.68 -29.19
C THR A 176 18.54 -21.68 -29.16
N PHE A 177 17.93 -22.24 -30.20
CA PHE A 177 16.50 -22.14 -30.39
C PHE A 177 15.81 -23.13 -29.45
N PRO A 178 14.98 -22.67 -28.52
CA PRO A 178 14.36 -23.59 -27.55
C PRO A 178 13.53 -24.66 -28.25
N ALA A 179 13.63 -25.89 -27.76
CA ALA A 179 13.08 -27.05 -28.46
C ALA A 179 11.62 -26.85 -28.81
N VAL A 180 11.26 -27.20 -30.05
CA VAL A 180 9.88 -27.08 -30.49
C VAL A 180 9.01 -28.08 -29.75
N LEU A 181 7.72 -27.79 -29.69
CA LEU A 181 6.78 -28.61 -28.94
C LEU A 181 6.51 -29.93 -29.67
N GLN A 182 7.25 -30.97 -29.31
CA GLN A 182 7.00 -32.31 -29.80
C GLN A 182 6.14 -33.04 -28.77
N SER A 183 4.94 -33.44 -29.19
CA SER A 183 3.94 -33.96 -28.26
C SER A 183 4.32 -35.33 -27.69
N SER A 184 5.37 -35.96 -28.20
CA SER A 184 5.78 -37.29 -27.76
C SER A 184 6.63 -37.27 -26.50
N GLY A 185 6.91 -36.11 -25.93
CA GLY A 185 7.80 -35.99 -24.79
C GLY A 185 9.25 -35.78 -25.16
N LEU A 186 9.60 -35.90 -26.43
CA LEU A 186 10.95 -35.63 -26.92
C LEU A 186 11.07 -34.16 -27.30
N TYR A 187 12.32 -33.69 -27.42
CA TYR A 187 12.60 -32.29 -27.67
C TYR A 187 13.52 -32.18 -28.88
N SER A 188 13.11 -31.39 -29.86
CA SER A 188 13.89 -31.12 -31.06
C SER A 188 14.29 -29.65 -31.09
N LEU A 189 15.57 -29.37 -30.86
CA LEU A 189 16.08 -28.01 -30.91
C LEU A 189 16.88 -27.80 -32.19
N SER A 190 16.86 -26.57 -32.68
CA SER A 190 17.55 -26.19 -33.92
C SER A 190 18.42 -24.97 -33.63
N SER A 191 19.62 -25.21 -33.11
CA SER A 191 20.53 -24.12 -32.79
C SER A 191 21.00 -23.43 -34.07
N VAL A 192 21.03 -22.10 -34.04
CA VAL A 192 21.29 -21.29 -35.22
C VAL A 192 22.24 -20.15 -34.86
N VAL A 193 22.89 -19.62 -35.89
CA VAL A 193 23.85 -18.53 -35.74
C VAL A 193 23.97 -17.82 -37.08
N THR A 194 23.97 -16.49 -37.02
CA THR A 194 24.08 -15.62 -38.19
C THR A 194 25.45 -14.95 -38.17
N VAL A 195 26.35 -15.43 -39.04
CA VAL A 195 27.70 -14.91 -39.14
C VAL A 195 28.03 -14.63 -40.61
N PRO A 196 28.91 -13.65 -40.85
CA PRO A 196 29.34 -13.39 -42.23
C PRO A 196 30.04 -14.61 -42.83
N SER A 197 29.86 -14.78 -44.13
CA SER A 197 30.41 -15.91 -44.87
C SER A 197 31.67 -15.54 -45.64
N SER A 198 32.50 -14.65 -45.09
CA SER A 198 33.71 -14.22 -45.77
C SER A 198 34.84 -15.25 -45.68
N SER A 199 34.68 -16.30 -44.89
CA SER A 199 35.69 -17.34 -44.71
C SER A 199 35.18 -18.69 -45.20
N LEU A 200 34.53 -18.69 -46.36
CA LEU A 200 33.95 -19.92 -46.88
C LEU A 200 35.02 -20.97 -47.17
N GLY A 201 36.14 -20.56 -47.78
CA GLY A 201 37.17 -21.50 -48.16
C GLY A 201 38.21 -21.83 -47.11
N THR A 202 38.18 -21.15 -45.96
CA THR A 202 39.18 -21.36 -44.92
C THR A 202 38.59 -21.85 -43.62
N GLN A 203 37.53 -21.21 -43.12
CA GLN A 203 36.95 -21.59 -41.84
C GLN A 203 36.22 -22.92 -41.96
N THR A 204 36.47 -23.82 -41.02
CA THR A 204 35.81 -25.12 -40.98
C THR A 204 34.60 -25.05 -40.06
N TYR A 205 33.53 -25.75 -40.44
CA TYR A 205 32.27 -25.73 -39.72
C TYR A 205 32.18 -26.95 -38.82
N ILE A 206 32.15 -26.72 -37.52
CA ILE A 206 32.08 -27.79 -36.52
C ILE A 206 30.92 -27.49 -35.57
N CYS A 207 30.08 -28.49 -35.35
CA CYS A 207 29.03 -28.40 -34.33
C CYS A 207 29.39 -29.32 -33.18
N ASN A 208 29.35 -28.79 -31.95
CA ASN A 208 29.73 -29.53 -30.75
C ASN A 208 28.49 -29.79 -29.91
N VAL A 209 28.16 -31.06 -29.71
CA VAL A 209 27.02 -31.49 -28.91
C VAL A 209 27.54 -32.12 -27.63
N ASN A 210 27.16 -31.54 -26.50
CA ASN A 210 27.66 -31.96 -25.20
C ASN A 210 26.51 -32.52 -24.37
N HIS A 211 26.70 -33.76 -23.88
CA HIS A 211 25.74 -34.44 -23.01
C HIS A 211 26.41 -34.68 -21.67
N LYS A 212 26.00 -33.86 -20.68
CA LYS A 212 26.60 -33.91 -19.33
C LYS A 212 26.38 -35.24 -18.64
N PRO A 213 25.16 -35.81 -18.57
CA PRO A 213 25.01 -37.07 -17.81
C PRO A 213 25.85 -38.22 -18.36
N SER A 214 26.03 -38.29 -19.68
CA SER A 214 26.81 -39.36 -20.30
C SER A 214 28.26 -38.99 -20.53
N ASN A 215 28.63 -37.72 -20.29
CA ASN A 215 29.99 -37.23 -20.56
C ASN A 215 30.39 -37.54 -22.00
N THR A 216 29.46 -37.30 -22.93
CA THR A 216 29.68 -37.61 -24.33
C THR A 216 29.84 -36.33 -25.14
N LYS A 217 30.86 -36.30 -26.00
CA LYS A 217 31.11 -35.18 -26.90
C LYS A 217 30.93 -35.63 -28.34
N VAL A 218 30.08 -34.91 -29.08
CA VAL A 218 29.75 -35.24 -30.46
C VAL A 218 30.24 -34.09 -31.33
N ASP A 219 31.00 -34.43 -32.38
CA ASP A 219 31.57 -33.45 -33.28
C ASP A 219 31.01 -33.66 -34.69
N LYS A 220 30.48 -32.60 -35.28
CA LYS A 220 29.96 -32.62 -36.65
C LYS A 220 30.79 -31.63 -37.46
N LYS A 221 31.90 -32.12 -38.01
CA LYS A 221 32.86 -31.29 -38.74
C LYS A 221 32.83 -31.62 -40.23
N VAL A 222 33.06 -30.59 -41.04
CA VAL A 222 33.14 -30.75 -42.49
C VAL A 222 34.62 -30.93 -42.82
N GLU A 223 35.06 -32.18 -42.85
CA GLU A 223 36.43 -32.54 -43.14
C GLU A 223 36.48 -33.69 -44.14
N PRO A 224 37.55 -33.78 -44.92
CA PRO A 224 37.67 -34.90 -45.86
C PRO A 224 37.79 -36.23 -45.13
N LYS A 225 37.27 -37.27 -45.77
CA LYS A 225 37.30 -38.61 -45.20
C LYS A 225 38.04 -39.58 -46.11
N GLN B 1 -15.00 6.40 -42.41
CA GLN B 1 -15.65 6.82 -41.16
C GLN B 1 -14.61 7.33 -40.16
N VAL B 2 -13.34 7.16 -40.50
CA VAL B 2 -12.23 7.58 -39.65
C VAL B 2 -11.39 8.59 -40.42
N GLN B 3 -11.16 9.75 -39.81
CA GLN B 3 -10.35 10.79 -40.44
C GLN B 3 -9.24 11.22 -39.50
N LEU B 4 -8.04 11.39 -40.05
CA LEU B 4 -6.86 11.76 -39.28
C LEU B 4 -6.53 13.23 -39.57
N GLN B 5 -6.33 13.99 -38.50
CA GLN B 5 -5.99 15.41 -38.61
C GLN B 5 -4.57 15.65 -38.12
N GLU B 6 -3.85 16.54 -38.78
CA GLU B 6 -2.47 16.83 -38.44
C GLU B 6 -2.26 18.33 -38.33
N SER B 7 -1.26 18.71 -37.54
CA SER B 7 -0.90 20.11 -37.34
C SER B 7 0.54 20.18 -36.89
N GLY B 8 1.05 21.39 -36.77
CA GLY B 8 2.42 21.61 -36.36
C GLY B 8 3.38 21.72 -37.53
N GLY B 9 4.67 21.67 -37.20
CA GLY B 9 5.70 21.76 -38.21
C GLY B 9 6.09 23.19 -38.51
N GLY B 10 6.69 23.37 -39.70
CA GLY B 10 7.15 24.67 -40.11
C GLY B 10 8.47 25.04 -39.49
N LEU B 11 8.85 26.31 -39.68
CA LEU B 11 10.10 26.79 -39.12
C LEU B 11 10.04 26.75 -37.60
N VAL B 12 11.12 26.26 -36.97
CA VAL B 12 11.14 26.05 -35.53
C VAL B 12 12.44 26.61 -34.97
N GLN B 13 12.33 27.36 -33.86
CA GLN B 13 13.53 27.84 -33.17
C GLN B 13 14.26 26.64 -32.56
N PRO B 14 15.57 26.53 -32.75
CA PRO B 14 16.30 25.37 -32.22
C PRO B 14 16.42 25.42 -30.71
N GLY B 15 16.53 24.22 -30.12
CA GLY B 15 16.78 24.07 -28.71
C GLY B 15 15.61 24.33 -27.81
N GLY B 16 14.45 24.71 -28.35
CA GLY B 16 13.32 25.06 -27.53
C GLY B 16 12.33 23.94 -27.33
N SER B 17 11.09 24.14 -27.78
CA SER B 17 10.04 23.15 -27.62
C SER B 17 9.05 23.29 -28.76
N LEU B 18 8.29 22.21 -28.98
CA LEU B 18 7.28 22.17 -30.03
C LEU B 18 6.18 21.23 -29.59
N ARG B 19 5.13 21.15 -30.39
CA ARG B 19 4.06 20.18 -30.12
C ARG B 19 3.35 19.88 -31.42
N LEU B 20 3.33 18.60 -31.80
CA LEU B 20 2.68 18.17 -33.02
C LEU B 20 1.41 17.41 -32.66
N SER B 21 0.27 17.80 -33.24
CA SER B 21 -1.00 17.18 -32.92
C SER B 21 -1.42 16.24 -34.05
N CYS B 22 -1.84 15.03 -33.69
CA CYS B 22 -2.33 14.03 -34.64
C CYS B 22 -3.64 13.46 -34.10
N ALA B 23 -4.75 14.04 -34.55
CA ALA B 23 -6.08 13.67 -34.08
C ALA B 23 -6.72 12.63 -34.99
N ALA B 24 -7.79 12.03 -34.50
CA ALA B 24 -8.55 11.06 -35.27
C ALA B 24 -9.99 11.07 -34.79
N SER B 25 -10.91 11.20 -35.74
CA SER B 25 -12.34 11.23 -35.46
C SER B 25 -12.96 9.94 -35.97
N GLY B 26 -13.76 9.30 -35.09
CA GLY B 26 -14.43 8.05 -35.38
C GLY B 26 -13.69 6.82 -34.92
N ARG B 27 -12.38 6.93 -34.65
CA ARG B 27 -11.59 5.83 -34.13
C ARG B 27 -10.91 6.29 -32.85
N THR B 28 -11.20 5.60 -31.75
CA THR B 28 -10.65 6.00 -30.45
C THR B 28 -9.15 5.72 -30.40
N ILE B 29 -8.38 6.73 -29.98
CA ILE B 29 -6.95 6.54 -29.81
C ILE B 29 -6.68 5.51 -28.70
N SER B 30 -7.56 5.44 -27.71
CA SER B 30 -7.50 4.37 -26.73
C SER B 30 -7.77 3.03 -27.40
N ARG B 31 -7.18 1.97 -26.84
CA ARG B 31 -7.23 0.59 -27.31
C ARG B 31 -6.45 0.40 -28.61
N TYR B 32 -5.87 1.46 -29.16
CA TYR B 32 -5.05 1.39 -30.38
C TYR B 32 -3.76 2.16 -30.14
N ALA B 33 -2.82 1.98 -31.05
CA ALA B 33 -1.51 2.60 -30.92
C ALA B 33 -1.37 3.76 -31.88
N MET B 34 -0.87 4.88 -31.36
CA MET B 34 -0.60 6.04 -32.20
C MET B 34 0.88 6.40 -32.06
N SER B 35 1.59 6.51 -33.18
CA SER B 35 3.04 6.58 -33.16
C SER B 35 3.54 7.67 -34.10
N TRP B 36 4.73 8.14 -33.79
CA TRP B 36 5.42 9.14 -34.59
C TRP B 36 6.74 8.58 -35.11
N PHE B 37 7.26 9.19 -36.17
CA PHE B 37 8.46 8.66 -36.80
C PHE B 37 9.32 9.80 -37.34
N ARG B 38 10.58 9.86 -36.87
CA ARG B 38 11.57 10.77 -37.43
C ARG B 38 11.99 10.31 -38.81
N GLN B 39 12.27 11.28 -39.69
CA GLN B 39 12.84 10.96 -40.99
C GLN B 39 13.63 12.17 -41.47
N ALA B 40 14.95 12.08 -41.38
CA ALA B 40 15.80 13.10 -41.97
C ALA B 40 15.78 12.96 -43.50
N PRO B 41 16.08 14.04 -44.22
CA PRO B 41 16.12 13.93 -45.69
C PRO B 41 17.08 12.86 -46.19
N GLY B 42 18.21 12.67 -45.51
CA GLY B 42 19.18 11.67 -45.91
C GLY B 42 19.18 10.38 -45.12
N LYS B 43 18.31 10.26 -44.12
CA LYS B 43 18.28 9.09 -43.25
C LYS B 43 16.94 8.36 -43.39
N GLU B 44 16.84 7.22 -42.71
CA GLU B 44 15.66 6.38 -42.77
C GLU B 44 14.61 6.87 -41.77
N ARG B 45 13.50 6.14 -41.67
CA ARG B 45 12.39 6.52 -40.80
C ARG B 45 12.58 5.89 -39.43
N GLU B 46 13.33 6.59 -38.58
CA GLU B 46 13.55 6.11 -37.21
C GLU B 46 12.30 6.26 -36.36
N PHE B 47 12.19 5.42 -35.34
CA PHE B 47 11.05 5.47 -34.43
C PHE B 47 11.16 6.67 -33.50
N VAL B 48 10.00 7.13 -33.02
CA VAL B 48 9.98 8.23 -32.06
C VAL B 48 9.29 7.79 -30.77
N ALA B 49 8.00 7.46 -30.87
CA ALA B 49 7.21 7.14 -29.68
C ALA B 49 5.89 6.54 -30.13
N VAL B 50 5.25 5.87 -29.18
CA VAL B 50 3.97 5.22 -29.40
C VAL B 50 3.15 5.30 -28.10
N ALA B 51 1.84 5.44 -28.28
CA ALA B 51 0.87 5.52 -27.20
C ALA B 51 -0.05 4.30 -27.28
N ARG B 52 -0.12 3.58 -26.15
CA ARG B 52 -0.85 2.33 -26.01
C ARG B 52 -2.23 2.59 -25.43
N ARG B 53 -2.91 1.51 -25.06
CA ARG B 53 -4.27 1.60 -24.52
C ARG B 53 -4.30 2.49 -23.28
N SER B 54 -5.06 3.58 -23.35
CA SER B 54 -5.27 4.57 -22.28
C SER B 54 -3.93 4.93 -21.65
N GLY B 55 -3.85 4.99 -20.32
CA GLY B 55 -2.62 5.32 -19.60
C GLY B 55 -1.89 4.08 -19.13
N ASP B 56 -2.16 2.93 -19.73
CA ASP B 56 -1.49 1.71 -19.32
C ASP B 56 0.01 1.79 -19.57
N GLY B 57 0.41 2.34 -20.73
CA GLY B 57 1.82 2.46 -21.02
C GLY B 57 2.16 3.34 -22.21
N ALA B 58 3.35 3.92 -22.20
CA ALA B 58 3.86 4.71 -23.31
C ALA B 58 5.32 4.39 -23.53
N PHE B 59 5.70 4.18 -24.80
CA PHE B 59 7.05 3.75 -25.12
C PHE B 59 7.69 4.73 -26.10
N TYR B 60 8.99 4.99 -25.93
CA TYR B 60 9.71 5.95 -26.75
C TYR B 60 10.99 5.33 -27.26
N ALA B 61 11.56 5.95 -28.29
CA ALA B 61 12.81 5.48 -28.87
C ALA B 61 13.97 5.73 -27.90
N ASP B 62 15.10 5.09 -28.18
CA ASP B 62 16.25 5.18 -27.29
C ASP B 62 16.79 6.61 -27.21
N SER B 63 16.80 7.31 -28.34
CA SER B 63 17.29 8.69 -28.41
C SER B 63 16.18 9.72 -28.26
N VAL B 64 15.16 9.42 -27.45
CA VAL B 64 13.98 10.28 -27.35
C VAL B 64 13.63 10.65 -25.91
N GLN B 65 14.08 9.89 -24.90
CA GLN B 65 13.74 10.21 -23.51
C GLN B 65 14.15 11.63 -23.16
N GLY B 66 13.24 12.35 -22.50
CA GLY B 66 13.47 13.73 -22.16
C GLY B 66 13.16 14.65 -23.34
N ARG B 67 13.61 14.27 -24.54
CA ARG B 67 13.38 15.10 -25.71
C ARG B 67 11.90 15.12 -26.11
N PHE B 68 11.22 13.99 -26.00
CA PHE B 68 9.83 13.93 -26.43
C PHE B 68 8.97 13.26 -25.37
N THR B 69 7.68 13.54 -25.47
CA THR B 69 6.72 12.91 -24.56
C THR B 69 5.34 12.97 -25.20
N VAL B 70 4.65 11.82 -25.24
CA VAL B 70 3.33 11.74 -25.86
C VAL B 70 2.28 12.08 -24.80
N SER B 71 1.68 13.25 -24.95
CA SER B 71 0.59 13.64 -24.06
C SER B 71 -0.74 13.29 -24.70
N ARG B 72 -1.59 12.60 -23.93
CA ARG B 72 -2.87 12.10 -24.41
C ARG B 72 -4.00 12.94 -23.85
N ASP B 73 -4.88 13.42 -24.73
CA ASP B 73 -6.06 14.17 -24.35
C ASP B 73 -7.29 13.33 -24.67
N ASP B 74 -8.06 12.99 -23.63
CA ASP B 74 -9.25 12.18 -23.84
C ASP B 74 -10.37 12.97 -24.50
N ALA B 75 -10.46 14.27 -24.20
CA ALA B 75 -11.52 15.10 -24.78
C ALA B 75 -11.33 15.23 -26.29
N LYS B 76 -10.09 15.37 -26.74
CA LYS B 76 -9.82 15.59 -28.16
C LYS B 76 -9.57 14.31 -28.93
N ASN B 77 -9.22 13.22 -28.26
CA ASN B 77 -8.89 11.94 -28.90
C ASN B 77 -7.76 12.13 -29.92
N THR B 78 -6.60 12.52 -29.41
CA THR B 78 -5.45 12.85 -30.23
C THR B 78 -4.18 12.49 -29.49
N VAL B 79 -3.06 12.52 -30.21
CA VAL B 79 -1.75 12.28 -29.60
C VAL B 79 -0.86 13.47 -29.89
N TYR B 80 -0.35 14.10 -28.82
CA TYR B 80 0.57 15.23 -28.94
C TYR B 80 1.99 14.73 -28.75
N LEU B 81 2.88 15.12 -29.67
CA LEU B 81 4.31 14.85 -29.55
C LEU B 81 4.97 16.13 -29.08
N GLN B 82 5.18 16.21 -27.76
CA GLN B 82 5.87 17.35 -27.16
C GLN B 82 7.36 17.23 -27.47
N MET B 83 7.95 18.38 -27.83
CA MET B 83 9.36 18.53 -28.13
C MET B 83 10.07 19.25 -26.98
N ASN B 84 11.32 18.88 -26.77
CA ASN B 84 12.13 19.42 -25.69
C ASN B 84 13.61 19.22 -26.02
N SER B 85 14.40 20.26 -25.75
CA SER B 85 15.86 20.24 -25.94
C SER B 85 16.24 19.67 -27.30
N LEU B 86 15.66 20.24 -28.36
CA LEU B 86 15.91 19.76 -29.71
C LEU B 86 17.34 20.07 -30.14
N LYS B 87 17.95 19.11 -30.81
CA LYS B 87 19.27 19.29 -31.39
C LYS B 87 19.16 20.05 -32.71
N PRO B 88 20.24 20.73 -33.12
CA PRO B 88 20.19 21.47 -34.39
C PRO B 88 19.98 20.59 -35.61
N GLU B 89 20.23 19.28 -35.50
CA GLU B 89 20.06 18.36 -36.61
C GLU B 89 18.70 17.64 -36.58
N ASP B 90 17.83 17.99 -35.64
CA ASP B 90 16.51 17.37 -35.56
C ASP B 90 15.55 17.86 -36.64
N THR B 91 16.05 18.57 -37.64
CA THR B 91 15.23 18.99 -38.77
C THR B 91 14.86 17.75 -39.58
N ALA B 92 13.67 17.23 -39.34
CA ALA B 92 13.23 15.97 -39.90
C ALA B 92 11.71 15.96 -40.05
N VAL B 93 11.27 15.33 -41.14
CA VAL B 93 9.85 15.19 -41.35
C VAL B 93 9.30 14.19 -40.34
N TYR B 94 8.24 14.58 -39.64
CA TYR B 94 7.60 13.75 -38.64
C TYR B 94 6.30 13.21 -39.22
N TYR B 95 6.20 11.89 -39.26
CA TYR B 95 5.03 11.25 -39.83
C TYR B 95 4.21 10.61 -38.72
N CYS B 96 2.93 10.36 -39.04
CA CYS B 96 1.96 9.78 -38.13
C CYS B 96 1.58 8.39 -38.59
N ALA B 97 1.68 7.42 -37.69
CA ALA B 97 1.37 6.03 -37.99
C ALA B 97 0.43 5.46 -36.95
N ILE B 98 -0.53 4.65 -37.38
CA ILE B 98 -1.54 4.09 -36.51
C ILE B 98 -1.53 2.58 -36.62
N ASP B 99 -1.65 1.91 -35.48
CA ASP B 99 -1.73 0.45 -35.45
C ASP B 99 -3.13 0.03 -35.83
N SER B 100 -3.26 -0.65 -36.98
CA SER B 100 -4.58 -1.04 -37.46
C SER B 100 -5.22 -2.11 -36.58
N ASP B 101 -4.42 -2.85 -35.83
CA ASP B 101 -4.91 -3.95 -35.01
C ASP B 101 -4.78 -3.62 -33.53
N THR B 102 -5.76 -4.09 -32.75
CA THR B 102 -5.72 -3.91 -31.30
C THR B 102 -4.73 -4.85 -30.63
N PHE B 103 -4.24 -5.88 -31.34
CA PHE B 103 -3.25 -6.78 -30.78
C PHE B 103 -1.88 -6.14 -30.67
N TYR B 104 -1.70 -4.95 -31.26
CA TYR B 104 -0.45 -4.18 -31.17
C TYR B 104 0.72 -4.89 -31.84
N SER B 105 0.45 -5.57 -32.95
CA SER B 105 1.52 -6.21 -33.70
C SER B 105 2.50 -5.16 -34.23
N GLY B 106 1.98 -4.05 -34.75
CA GLY B 106 2.81 -3.02 -35.32
C GLY B 106 2.46 -2.71 -36.76
N SER B 107 1.21 -2.99 -37.13
CA SER B 107 0.76 -2.80 -38.51
C SER B 107 0.45 -1.33 -38.74
N TYR B 108 1.21 -0.70 -39.64
CA TYR B 108 1.05 0.70 -40.00
C TYR B 108 0.71 0.77 -41.48
N ASP B 109 -0.58 0.70 -41.81
CA ASP B 109 -1.01 0.72 -43.20
C ASP B 109 -1.78 1.98 -43.60
N TYR B 110 -2.35 2.70 -42.63
CA TYR B 110 -3.09 3.92 -42.94
C TYR B 110 -2.09 5.05 -43.12
N TRP B 111 -1.98 5.55 -44.35
CA TRP B 111 -0.93 6.51 -44.68
C TRP B 111 -1.19 7.86 -44.02
N GLY B 112 -0.13 8.45 -43.48
CA GLY B 112 -0.17 9.79 -42.93
C GLY B 112 0.76 10.71 -43.67
N GLN B 113 0.26 11.89 -44.08
CA GLN B 113 1.07 12.80 -44.88
C GLN B 113 2.32 13.25 -44.13
N GLY B 114 2.18 13.59 -42.86
CA GLY B 114 3.32 13.92 -42.03
C GLY B 114 3.71 15.38 -42.02
N THR B 115 3.69 15.98 -40.84
CA THR B 115 4.14 17.36 -40.68
C THR B 115 5.64 17.45 -40.93
N GLN B 116 6.10 18.62 -41.31
CA GLN B 116 7.51 18.84 -41.64
C GLN B 116 8.15 19.65 -40.53
N VAL B 117 8.77 18.96 -39.55
CA VAL B 117 9.58 19.67 -38.58
C VAL B 117 10.89 20.04 -39.23
N THR B 118 11.22 21.34 -39.20
CA THR B 118 12.54 21.81 -39.62
C THR B 118 13.10 22.64 -38.47
N VAL B 119 14.29 22.24 -38.02
CA VAL B 119 15.04 22.91 -36.98
C VAL B 119 16.22 23.62 -37.64
N SER B 120 16.43 24.88 -37.27
CA SER B 120 17.48 25.71 -37.87
C SER B 120 17.30 25.81 -39.38
N ASP C 1 -8.06 -18.64 -3.32
CA ASP C 1 -7.28 -18.07 -4.40
C ASP C 1 -8.05 -16.94 -5.09
N ILE C 2 -8.97 -16.32 -4.35
CA ILE C 2 -9.82 -15.25 -4.88
C ILE C 2 -9.57 -14.00 -4.06
N GLN C 3 -9.21 -12.91 -4.74
CA GLN C 3 -9.01 -11.60 -4.12
C GLN C 3 -9.94 -10.59 -4.78
N MET C 4 -9.78 -9.32 -4.40
CA MET C 4 -10.58 -8.26 -5.00
C MET C 4 -10.19 -8.08 -6.48
N THR C 5 -11.20 -7.79 -7.30
CA THR C 5 -10.96 -7.60 -8.73
C THR C 5 -10.21 -6.28 -8.96
N GLN C 6 -9.15 -6.35 -9.76
CA GLN C 6 -8.32 -5.20 -10.07
C GLN C 6 -8.19 -5.07 -11.58
N SER C 7 -8.29 -3.84 -12.08
CA SER C 7 -8.11 -3.60 -13.51
C SER C 7 -6.74 -4.00 -14.01
N PRO C 8 -5.61 -3.62 -13.35
CA PRO C 8 -4.31 -4.13 -13.79
C PRO C 8 -3.99 -5.49 -13.18
N SER C 9 -3.81 -6.51 -14.00
CA SER C 9 -3.47 -7.83 -13.52
C SER C 9 -1.97 -8.11 -13.52
N SER C 10 -1.20 -7.37 -14.30
CA SER C 10 0.25 -7.52 -14.38
C SER C 10 0.91 -6.17 -14.08
N LEU C 11 2.25 -6.18 -14.11
CA LEU C 11 3.05 -5.02 -13.76
C LEU C 11 4.03 -4.72 -14.87
N SER C 12 4.17 -3.44 -15.21
CA SER C 12 5.12 -3.00 -16.23
C SER C 12 5.53 -1.57 -15.91
N ALA C 13 6.78 -1.40 -15.46
CA ALA C 13 7.28 -0.10 -15.05
C ALA C 13 8.62 0.17 -15.71
N SER C 14 8.87 1.45 -15.98
CA SER C 14 10.09 1.85 -16.66
C SER C 14 11.29 1.68 -15.73
N VAL C 15 12.49 1.70 -16.33
CA VAL C 15 13.71 1.56 -15.56
C VAL C 15 13.92 2.80 -14.70
N GLY C 16 14.19 2.59 -13.42
CA GLY C 16 14.33 3.69 -12.48
C GLY C 16 13.02 4.21 -11.93
N ASP C 17 11.90 3.57 -12.27
CA ASP C 17 10.58 4.02 -11.84
C ASP C 17 10.16 3.14 -10.66
N ARG C 18 9.81 3.80 -9.55
CA ARG C 18 9.37 3.10 -8.35
C ARG C 18 8.01 2.47 -8.58
N VAL C 19 7.94 1.15 -8.40
CA VAL C 19 6.68 0.46 -8.64
C VAL C 19 6.36 -0.45 -7.46
N THR C 20 5.07 -0.62 -7.17
CA THR C 20 4.62 -1.43 -6.03
C THR C 20 3.66 -2.52 -6.50
N ILE C 21 3.84 -3.72 -5.95
CA ILE C 21 2.95 -4.84 -6.16
C ILE C 21 2.38 -5.25 -4.80
N THR C 22 1.06 -5.35 -4.73
CA THR C 22 0.37 -5.56 -3.45
C THR C 22 -0.57 -6.73 -3.53
N CYS C 23 -0.67 -7.45 -2.40
CA CYS C 23 -1.66 -8.49 -2.27
C CYS C 23 -2.15 -8.52 -0.82
N ARG C 24 -3.45 -8.76 -0.66
CA ARG C 24 -4.09 -8.75 0.65
C ARG C 24 -4.39 -10.17 1.10
N ALA C 25 -3.94 -10.50 2.30
CA ALA C 25 -4.19 -11.83 2.86
C ALA C 25 -5.68 -12.00 3.18
N SER C 26 -6.15 -13.24 3.06
CA SER C 26 -7.54 -13.53 3.37
C SER C 26 -7.85 -13.25 4.84
N GLN C 27 -6.96 -13.64 5.74
CA GLN C 27 -7.08 -13.36 7.15
C GLN C 27 -5.75 -12.81 7.65
N SER C 28 -5.72 -12.39 8.91
CA SER C 28 -4.49 -11.90 9.50
C SER C 28 -3.44 -13.00 9.50
N VAL C 29 -2.23 -12.66 9.04
CA VAL C 29 -1.13 -13.61 8.99
C VAL C 29 0.06 -12.99 9.70
N SER C 30 -0.19 -11.89 10.40
CA SER C 30 0.86 -11.11 11.10
C SER C 30 1.86 -10.62 10.05
N SER C 31 3.09 -10.38 10.44
CA SER C 31 4.15 -10.00 9.51
C SER C 31 4.75 -11.19 8.79
N ALA C 32 4.11 -12.36 8.86
CA ALA C 32 4.62 -13.56 8.21
C ALA C 32 4.18 -13.59 6.75
N VAL C 33 4.75 -12.67 5.97
CA VAL C 33 4.61 -12.64 4.53
C VAL C 33 6.00 -12.43 3.93
N ALA C 34 6.36 -13.28 2.98
CA ALA C 34 7.65 -13.18 2.29
C ALA C 34 7.41 -12.90 0.82
N TRP C 35 8.34 -12.19 0.21
CA TRP C 35 8.29 -11.86 -1.20
C TRP C 35 9.45 -12.53 -1.89
N TYR C 36 9.13 -13.25 -2.99
CA TYR C 36 10.10 -13.98 -3.79
C TYR C 36 10.11 -13.44 -5.21
N GLN C 37 11.33 -13.40 -5.78
CA GLN C 37 11.56 -13.00 -7.16
C GLN C 37 12.06 -14.22 -7.92
N GLN C 38 11.24 -14.72 -8.85
CA GLN C 38 11.58 -15.90 -9.63
C GLN C 38 11.76 -15.47 -11.09
N LYS C 39 13.03 -15.41 -11.51
CA LYS C 39 13.33 -15.28 -12.92
C LYS C 39 12.95 -16.58 -13.62
N PRO C 40 12.46 -16.50 -14.85
CA PRO C 40 12.00 -17.71 -15.54
C PRO C 40 13.12 -18.74 -15.67
N GLY C 41 12.77 -20.00 -15.45
CA GLY C 41 13.74 -21.09 -15.49
C GLY C 41 14.63 -21.18 -14.28
N LYS C 42 14.35 -20.43 -13.22
CA LYS C 42 15.18 -20.45 -12.02
C LYS C 42 14.28 -20.47 -10.79
N ALA C 43 14.84 -20.99 -9.70
CA ALA C 43 14.10 -21.05 -8.45
C ALA C 43 13.87 -19.65 -7.90
N PRO C 44 12.77 -19.43 -7.18
CA PRO C 44 12.54 -18.11 -6.58
C PRO C 44 13.61 -17.76 -5.56
N LYS C 45 13.91 -16.48 -5.46
CA LYS C 45 14.87 -15.96 -4.51
C LYS C 45 14.14 -15.14 -3.46
N LEU C 46 14.42 -15.42 -2.19
CA LEU C 46 13.77 -14.70 -1.09
C LEU C 46 14.25 -13.26 -1.08
N LEU C 47 13.39 -12.34 -1.48
CA LEU C 47 13.72 -10.92 -1.42
C LEU C 47 13.48 -10.38 -0.02
N ILE C 48 12.23 -10.43 0.44
CA ILE C 48 11.86 -9.81 1.70
C ILE C 48 11.25 -10.86 2.61
N TYR C 49 11.75 -10.95 3.85
CA TYR C 49 11.14 -11.79 4.87
C TYR C 49 10.64 -10.92 5.99
N SER C 50 9.58 -11.40 6.67
CA SER C 50 8.81 -10.64 7.65
C SER C 50 8.07 -9.46 7.02
N ALA C 51 8.01 -9.41 5.69
CA ALA C 51 7.26 -8.45 4.88
C ALA C 51 7.89 -7.06 4.91
N SER C 52 8.87 -6.85 5.79
CA SER C 52 9.68 -5.63 5.75
C SER C 52 11.15 -5.85 6.06
N SER C 53 11.52 -7.01 6.60
CA SER C 53 12.81 -7.16 7.26
C SER C 53 13.86 -7.72 6.31
N LEU C 54 15.11 -7.32 6.56
CA LEU C 54 16.27 -7.81 5.82
C LEU C 54 17.50 -7.61 6.68
N TYR C 55 18.53 -8.42 6.43
CA TYR C 55 19.75 -8.39 7.21
C TYR C 55 20.71 -7.34 6.67
N SER C 56 21.94 -7.32 7.17
CA SER C 56 22.96 -6.37 6.74
C SER C 56 23.74 -6.93 5.57
N GLY C 57 24.10 -6.03 4.64
CA GLY C 57 24.80 -6.43 3.43
C GLY C 57 23.90 -6.96 2.33
N VAL C 58 22.60 -7.04 2.57
CA VAL C 58 21.63 -7.55 1.61
C VAL C 58 21.32 -6.45 0.60
N PRO C 59 20.73 -6.78 -0.55
CA PRO C 59 20.28 -5.72 -1.47
C PRO C 59 19.28 -4.80 -0.80
N SER C 60 19.41 -3.50 -1.07
CA SER C 60 18.54 -2.48 -0.49
C SER C 60 17.58 -1.89 -1.50
N ARG C 61 17.65 -2.32 -2.76
CA ARG C 61 16.74 -1.79 -3.78
C ARG C 61 15.29 -2.18 -3.49
N PHE C 62 15.07 -3.41 -3.02
CA PHE C 62 13.74 -3.91 -2.73
C PHE C 62 13.33 -3.58 -1.30
N SER C 63 12.10 -3.14 -1.12
CA SER C 63 11.55 -2.78 0.17
C SER C 63 10.16 -3.37 0.32
N GLY C 64 9.76 -3.60 1.55
CA GLY C 64 8.44 -4.15 1.81
C GLY C 64 7.81 -3.46 3.01
N SER C 65 6.48 -3.40 2.99
CA SER C 65 5.74 -2.79 4.09
C SER C 65 4.42 -3.52 4.25
N ARG C 66 3.90 -3.50 5.49
CA ARG C 66 2.64 -4.14 5.80
C ARG C 66 1.76 -3.20 6.61
N SER C 67 0.46 -3.22 6.30
CA SER C 67 -0.55 -2.50 7.08
C SER C 67 -1.76 -3.41 7.20
N GLY C 68 -2.00 -3.91 8.41
CA GLY C 68 -3.05 -4.89 8.60
C GLY C 68 -2.75 -6.14 7.81
N THR C 69 -3.73 -6.59 7.04
CA THR C 69 -3.55 -7.77 6.19
C THR C 69 -3.07 -7.41 4.79
N ASP C 70 -2.80 -6.13 4.52
CA ASP C 70 -2.34 -5.70 3.21
C ASP C 70 -0.83 -5.63 3.19
N PHE C 71 -0.20 -6.27 2.20
CA PHE C 71 1.25 -6.27 2.09
C PHE C 71 1.65 -5.72 0.72
N THR C 72 2.68 -4.87 0.73
CA THR C 72 3.14 -4.21 -0.50
C THR C 72 4.65 -4.39 -0.62
N LEU C 73 5.07 -4.84 -1.80
CA LEU C 73 6.48 -4.89 -2.17
C LEU C 73 6.75 -3.77 -3.15
N THR C 74 7.71 -2.91 -2.82
CA THR C 74 8.06 -1.76 -3.64
C THR C 74 9.52 -1.85 -4.04
N ILE C 75 9.79 -1.52 -5.30
CA ILE C 75 11.16 -1.41 -5.80
C ILE C 75 11.44 0.07 -5.96
N SER C 76 12.47 0.52 -5.22
CA SER C 76 12.84 1.94 -5.17
C SER C 76 13.34 2.40 -6.53
N SER C 77 14.45 1.84 -7.00
CA SER C 77 15.03 2.17 -8.30
C SER C 77 14.96 0.92 -9.16
N LEU C 78 13.97 0.87 -10.06
CA LEU C 78 13.80 -0.29 -10.91
C LEU C 78 15.02 -0.48 -11.81
N GLN C 79 15.36 -1.74 -12.07
CA GLN C 79 16.52 -2.12 -12.83
C GLN C 79 16.11 -3.07 -13.95
N PRO C 80 16.90 -3.17 -15.01
CA PRO C 80 16.57 -4.13 -16.08
C PRO C 80 16.52 -5.57 -15.61
N GLU C 81 17.36 -5.95 -14.63
CA GLU C 81 17.35 -7.31 -14.12
C GLU C 81 16.24 -7.55 -13.11
N ASP C 82 15.49 -6.51 -12.73
CA ASP C 82 14.40 -6.70 -11.78
C ASP C 82 13.23 -7.46 -12.41
N PHE C 83 13.06 -7.35 -13.72
CA PHE C 83 11.89 -7.92 -14.38
C PHE C 83 11.83 -9.44 -14.21
N ALA C 84 10.85 -9.88 -13.44
CA ALA C 84 10.66 -11.30 -13.12
C ALA C 84 9.23 -11.50 -12.63
N THR C 85 8.95 -12.67 -12.08
CA THR C 85 7.63 -12.93 -11.50
C THR C 85 7.73 -12.85 -9.99
N TYR C 86 6.85 -12.07 -9.37
CA TYR C 86 6.91 -11.80 -7.94
C TYR C 86 5.74 -12.47 -7.24
N TYR C 87 6.06 -13.25 -6.20
CA TYR C 87 5.05 -13.96 -5.43
C TYR C 87 5.05 -13.46 -4.00
N CYS C 88 3.86 -13.11 -3.49
CA CYS C 88 3.68 -12.84 -2.07
C CYS C 88 3.21 -14.14 -1.40
N GLN C 89 3.97 -14.61 -0.43
CA GLN C 89 3.70 -15.88 0.23
C GLN C 89 3.56 -15.62 1.73
N GLN C 90 2.33 -15.69 2.23
CA GLN C 90 2.16 -15.76 3.67
C GLN C 90 2.66 -17.11 4.15
N TYR C 91 3.45 -17.11 5.21
CA TYR C 91 4.10 -18.33 5.67
C TYR C 91 3.79 -18.55 7.15
N LEU C 92 2.51 -18.41 7.51
CA LEU C 92 2.06 -18.64 8.88
C LEU C 92 1.65 -20.09 9.09
N TYR C 93 0.67 -20.55 8.31
CA TYR C 93 0.10 -21.88 8.45
C TYR C 93 0.71 -22.80 7.41
N TYR C 94 1.36 -23.87 7.89
CA TYR C 94 2.06 -24.78 6.97
C TYR C 94 1.12 -25.39 5.94
N SER C 95 0.02 -25.98 6.39
CA SER C 95 -0.86 -26.72 5.50
C SER C 95 -1.52 -25.82 4.46
N LEU C 96 -1.57 -24.52 4.70
CA LEU C 96 -2.19 -23.58 3.76
C LEU C 96 -1.26 -22.42 3.47
N VAL C 97 0.02 -22.71 3.23
CA VAL C 97 0.92 -21.69 2.72
C VAL C 97 0.43 -21.27 1.34
N THR C 98 0.08 -20.00 1.19
CA THR C 98 -0.46 -19.48 -0.05
C THR C 98 0.57 -18.57 -0.73
N PHE C 99 0.43 -18.44 -2.04
CA PHE C 99 1.37 -17.64 -2.83
C PHE C 99 0.63 -16.60 -3.65
N GLY C 100 1.35 -15.95 -4.57
CA GLY C 100 0.78 -14.92 -5.42
C GLY C 100 0.20 -15.47 -6.71
N GLN C 101 -0.01 -14.58 -7.67
CA GLN C 101 -0.64 -14.92 -8.94
C GLN C 101 0.39 -15.10 -10.06
N GLY C 102 1.15 -14.07 -10.36
CA GLY C 102 2.14 -14.12 -11.43
C GLY C 102 2.28 -12.81 -12.15
N THR C 103 3.43 -12.64 -12.82
CA THR C 103 3.73 -11.41 -13.56
C THR C 103 4.69 -11.79 -14.69
N LYS C 104 4.15 -11.92 -15.89
CA LYS C 104 4.93 -12.32 -17.07
C LYS C 104 5.03 -11.12 -18.01
N VAL C 105 6.11 -10.35 -17.86
CA VAL C 105 6.35 -9.16 -18.67
C VAL C 105 7.82 -9.12 -19.03
N GLU C 106 8.12 -8.72 -20.28
CA GLU C 106 9.49 -8.55 -20.73
C GLU C 106 10.15 -7.39 -19.98
N ILE C 107 11.45 -7.23 -20.23
CA ILE C 107 12.19 -6.11 -19.65
C ILE C 107 11.69 -4.82 -20.29
N LYS C 108 10.99 -3.99 -19.52
CA LYS C 108 10.52 -2.72 -20.04
C LYS C 108 11.70 -1.85 -20.42
N ARG C 109 11.61 -1.25 -21.60
CA ARG C 109 12.77 -0.65 -22.25
C ARG C 109 12.27 0.35 -23.27
N THR C 110 13.21 1.04 -23.92
CA THR C 110 12.87 1.81 -25.10
C THR C 110 12.55 0.86 -26.25
N VAL C 111 11.77 1.36 -27.20
CA VAL C 111 11.37 0.54 -28.34
C VAL C 111 12.61 0.20 -29.16
N ALA C 112 12.82 -1.10 -29.39
CA ALA C 112 13.95 -1.60 -30.15
C ALA C 112 13.42 -2.36 -31.36
N ALA C 113 13.97 -2.05 -32.54
CA ALA C 113 13.55 -2.74 -33.74
C ALA C 113 14.02 -4.19 -33.71
N PRO C 114 13.24 -5.12 -34.24
CA PRO C 114 13.66 -6.54 -34.25
C PRO C 114 14.68 -6.79 -35.34
N SER C 115 15.84 -7.33 -34.96
CA SER C 115 16.83 -7.79 -35.94
C SER C 115 16.32 -9.11 -36.52
N VAL C 116 15.64 -9.02 -37.66
CA VAL C 116 14.98 -10.19 -38.24
C VAL C 116 16.00 -11.00 -39.03
N PHE C 117 16.15 -12.27 -38.66
CA PHE C 117 16.94 -13.23 -39.39
C PHE C 117 16.05 -14.38 -39.81
N ILE C 118 16.47 -15.06 -40.88
CA ILE C 118 15.78 -16.27 -41.34
C ILE C 118 16.81 -17.39 -41.45
N PHE C 119 16.43 -18.57 -40.96
CA PHE C 119 17.27 -19.76 -41.00
C PHE C 119 16.59 -20.83 -41.82
N PRO C 120 17.08 -21.10 -43.03
CA PRO C 120 16.51 -22.17 -43.83
C PRO C 120 16.72 -23.50 -43.17
N PRO C 121 15.84 -24.47 -43.40
CA PRO C 121 16.01 -25.79 -42.77
C PRO C 121 17.30 -26.44 -43.21
N SER C 122 17.90 -27.18 -42.29
CA SER C 122 19.16 -27.84 -42.58
C SER C 122 19.00 -28.83 -43.72
N ASP C 123 20.00 -28.86 -44.62
CA ASP C 123 19.96 -29.80 -45.74
C ASP C 123 19.94 -31.23 -45.24
N SER C 124 20.50 -31.49 -44.06
CA SER C 124 20.45 -32.80 -43.44
C SER C 124 19.24 -33.00 -42.54
N GLN C 125 18.50 -31.93 -42.23
CA GLN C 125 17.20 -32.08 -41.57
C GLN C 125 16.14 -32.56 -42.56
N LEU C 126 16.29 -32.22 -43.84
CA LEU C 126 15.34 -32.69 -44.84
C LEU C 126 15.32 -34.21 -44.94
N LYS C 127 16.45 -34.86 -44.66
CA LYS C 127 16.51 -36.31 -44.73
C LYS C 127 15.55 -36.98 -43.76
N SER C 128 15.14 -36.28 -42.70
CA SER C 128 14.20 -36.81 -41.73
C SER C 128 12.75 -36.67 -42.17
N GLY C 129 12.50 -36.12 -43.37
CA GLY C 129 11.16 -35.95 -43.86
C GLY C 129 10.47 -34.68 -43.44
N THR C 130 11.12 -33.83 -42.66
CA THR C 130 10.56 -32.56 -42.22
C THR C 130 11.54 -31.44 -42.53
N ALA C 131 11.00 -30.22 -42.64
CA ALA C 131 11.79 -29.02 -42.92
C ALA C 131 11.08 -27.84 -42.29
N SER C 132 11.69 -27.29 -41.25
CA SER C 132 11.12 -26.17 -40.52
C SER C 132 11.96 -24.93 -40.75
N VAL C 133 11.31 -23.83 -41.12
CA VAL C 133 12.00 -22.56 -41.36
C VAL C 133 11.87 -21.68 -40.14
N VAL C 134 12.97 -21.08 -39.68
CA VAL C 134 12.95 -20.29 -38.46
C VAL C 134 13.11 -18.82 -38.80
N CYS C 135 12.26 -17.96 -38.22
CA CYS C 135 12.35 -16.51 -38.37
C CYS C 135 12.57 -15.92 -36.98
N LEU C 136 13.80 -15.51 -36.70
CA LEU C 136 14.19 -15.00 -35.39
C LEU C 136 14.13 -13.48 -35.38
N LEU C 137 13.54 -12.92 -34.33
CA LEU C 137 13.42 -11.48 -34.14
C LEU C 137 14.23 -11.12 -32.91
N ASN C 138 15.53 -10.87 -33.11
CA ASN C 138 16.46 -10.75 -31.99
C ASN C 138 16.41 -9.35 -31.40
N ASN C 139 16.28 -9.30 -30.05
CA ASN C 139 16.50 -8.11 -29.23
C ASN C 139 15.60 -6.95 -29.68
N PHE C 140 14.30 -7.15 -29.47
CA PHE C 140 13.30 -6.13 -29.75
C PHE C 140 12.39 -5.93 -28.55
N TYR C 141 11.87 -4.70 -28.42
CA TYR C 141 10.90 -4.33 -27.42
C TYR C 141 9.90 -3.39 -28.08
N PRO C 142 8.61 -3.45 -27.72
CA PRO C 142 7.95 -4.35 -26.75
C PRO C 142 7.73 -5.76 -27.27
N ARG C 143 7.23 -6.65 -26.40
CA ARG C 143 6.98 -8.03 -26.78
C ARG C 143 5.95 -8.15 -27.90
N GLU C 144 5.07 -7.17 -28.05
CA GLU C 144 3.96 -7.25 -28.99
C GLU C 144 4.44 -7.11 -30.43
N ALA C 145 4.83 -8.22 -31.04
CA ALA C 145 5.21 -8.24 -32.45
C ALA C 145 4.66 -9.50 -33.09
N LYS C 146 4.49 -9.44 -34.41
CA LYS C 146 3.93 -10.58 -35.13
C LYS C 146 4.86 -10.97 -36.26
N VAL C 147 4.86 -12.28 -36.56
CA VAL C 147 5.66 -12.86 -37.63
C VAL C 147 4.73 -13.62 -38.55
N GLN C 148 4.72 -13.24 -39.84
CA GLN C 148 4.01 -13.95 -40.87
C GLN C 148 5.02 -14.62 -41.80
N TRP C 149 4.50 -15.39 -42.75
CA TRP C 149 5.32 -16.14 -43.70
C TRP C 149 4.70 -15.97 -45.09
N LYS C 150 5.18 -14.97 -45.84
CA LYS C 150 4.68 -14.73 -47.19
C LYS C 150 5.45 -15.62 -48.18
N VAL C 151 5.23 -16.91 -48.03
CA VAL C 151 5.88 -17.92 -48.86
C VAL C 151 5.35 -17.78 -50.28
N ASP C 152 6.21 -17.29 -51.19
CA ASP C 152 5.85 -17.08 -52.59
C ASP C 152 4.59 -16.24 -52.71
N ASN C 153 4.58 -15.12 -51.98
CA ASN C 153 3.44 -14.19 -51.96
C ASN C 153 2.15 -14.88 -51.50
N ALA C 154 2.29 -15.78 -50.53
CA ALA C 154 1.14 -16.50 -49.96
C ALA C 154 1.39 -16.66 -48.47
N LEU C 155 0.61 -15.93 -47.67
CA LEU C 155 0.75 -16.00 -46.22
C LEU C 155 0.36 -17.39 -45.73
N GLN C 156 1.20 -17.97 -44.88
CA GLN C 156 0.97 -19.29 -44.31
C GLN C 156 0.63 -19.18 -42.84
N SER C 157 -0.39 -19.91 -42.41
CA SER C 157 -0.88 -19.86 -41.04
C SER C 157 -1.06 -21.26 -40.50
N GLY C 158 -1.07 -21.37 -39.18
CA GLY C 158 -1.31 -22.65 -38.52
C GLY C 158 -0.03 -23.40 -38.20
N ASN C 159 0.74 -23.75 -39.24
CA ASN C 159 1.98 -24.49 -39.05
C ASN C 159 3.09 -23.63 -38.45
N SER C 160 2.90 -22.33 -38.35
CA SER C 160 3.90 -21.43 -37.78
C SER C 160 3.69 -21.32 -36.28
N GLN C 161 4.67 -21.78 -35.52
CA GLN C 161 4.60 -21.74 -34.06
C GLN C 161 5.62 -20.75 -33.53
N GLU C 162 5.20 -19.87 -32.64
CA GLU C 162 6.07 -18.82 -32.09
C GLU C 162 6.45 -19.14 -30.65
N SER C 163 7.59 -18.57 -30.23
CA SER C 163 8.11 -18.80 -28.89
C SER C 163 8.97 -17.60 -28.51
N VAL C 164 8.37 -16.72 -27.69
CA VAL C 164 9.07 -15.54 -27.18
C VAL C 164 9.93 -15.97 -26.01
N THR C 165 11.22 -15.63 -26.09
CA THR C 165 12.15 -16.07 -25.05
C THR C 165 11.97 -15.25 -23.77
N GLU C 166 12.23 -15.90 -22.64
CA GLU C 166 12.18 -15.26 -21.34
C GLU C 166 13.58 -14.78 -20.97
N GLN C 167 13.78 -14.40 -19.71
CA GLN C 167 15.09 -13.96 -19.23
C GLN C 167 15.99 -15.17 -19.07
N ASP C 168 16.83 -15.42 -20.07
CA ASP C 168 17.80 -16.51 -20.02
C ASP C 168 19.12 -16.00 -19.46
N SER C 169 19.97 -16.95 -19.04
CA SER C 169 21.25 -16.63 -18.43
C SER C 169 22.44 -16.85 -19.35
N LYS C 170 22.22 -17.38 -20.56
CA LYS C 170 23.32 -17.64 -21.48
C LYS C 170 23.53 -16.50 -22.47
N ASP C 171 22.45 -16.00 -23.06
CA ASP C 171 22.53 -14.90 -24.02
C ASP C 171 21.87 -13.62 -23.55
N SER C 172 21.00 -13.69 -22.53
CA SER C 172 20.30 -12.52 -21.99
C SER C 172 19.57 -11.75 -23.09
N THR C 173 18.96 -12.48 -24.02
CA THR C 173 18.24 -11.91 -25.14
C THR C 173 16.73 -11.92 -24.89
N TYR C 174 16.02 -11.09 -25.66
CA TYR C 174 14.56 -11.00 -25.62
C TYR C 174 14.06 -11.00 -27.05
N SER C 175 13.83 -12.20 -27.59
CA SER C 175 13.59 -12.40 -29.01
C SER C 175 12.32 -13.22 -29.21
N LEU C 176 11.88 -13.25 -30.46
CA LEU C 176 10.70 -14.01 -30.83
C LEU C 176 11.03 -14.90 -32.01
N SER C 177 10.96 -16.22 -31.82
CA SER C 177 11.26 -17.14 -32.92
C SER C 177 9.97 -17.75 -33.44
N SER C 178 9.79 -17.75 -34.77
CA SER C 178 8.63 -18.37 -35.40
C SER C 178 9.09 -19.48 -36.33
N THR C 179 8.46 -20.65 -36.24
CA THR C 179 8.93 -21.84 -36.93
C THR C 179 7.82 -22.34 -37.85
N LEU C 180 8.00 -22.14 -39.15
CA LEU C 180 7.09 -22.60 -40.20
C LEU C 180 7.48 -24.04 -40.52
N THR C 181 6.92 -24.97 -39.74
CA THR C 181 7.25 -26.39 -39.84
C THR C 181 6.40 -27.02 -40.92
N LEU C 182 7.03 -27.46 -42.02
CA LEU C 182 6.33 -28.17 -43.07
C LEU C 182 7.08 -29.46 -43.36
N SER C 183 6.39 -30.40 -44.01
CA SER C 183 7.05 -31.63 -44.43
C SER C 183 8.06 -31.32 -45.53
N LYS C 184 8.95 -32.29 -45.78
CA LYS C 184 9.91 -32.13 -46.87
C LYS C 184 9.20 -32.00 -48.21
N ALA C 185 8.15 -32.79 -48.42
CA ALA C 185 7.41 -32.73 -49.68
C ALA C 185 6.79 -31.35 -49.89
N ASP C 186 6.25 -30.76 -48.82
CA ASP C 186 5.77 -29.38 -48.90
C ASP C 186 6.94 -28.42 -49.12
N TYR C 187 8.08 -28.69 -48.49
CA TYR C 187 9.23 -27.80 -48.60
C TYR C 187 9.81 -27.77 -50.01
N GLU C 188 9.55 -28.81 -50.81
CA GLU C 188 10.02 -28.79 -52.19
C GLU C 188 9.03 -28.14 -53.15
N LYS C 189 7.82 -27.81 -52.69
CA LYS C 189 6.80 -27.25 -53.56
C LYS C 189 6.88 -25.74 -53.70
N HIS C 190 7.78 -25.08 -52.96
CA HIS C 190 7.94 -23.63 -53.02
C HIS C 190 9.42 -23.29 -53.11
N LYS C 191 9.69 -22.07 -53.59
CA LYS C 191 11.06 -21.62 -53.82
C LYS C 191 11.57 -20.69 -52.73
N VAL C 192 10.86 -19.60 -52.47
CA VAL C 192 11.29 -18.59 -51.52
C VAL C 192 10.41 -18.68 -50.28
N TYR C 193 11.03 -18.86 -49.13
CA TYR C 193 10.34 -18.95 -47.84
C TYR C 193 10.68 -17.69 -47.06
N ALA C 194 9.89 -16.64 -47.26
CA ALA C 194 10.14 -15.35 -46.65
C ALA C 194 9.23 -15.14 -45.45
N CYS C 195 9.80 -14.59 -44.39
CA CYS C 195 9.02 -14.22 -43.22
C CYS C 195 8.94 -12.69 -43.13
N GLU C 196 7.72 -12.19 -42.94
CA GLU C 196 7.49 -10.75 -42.81
C GLU C 196 7.04 -10.46 -41.38
N VAL C 197 7.80 -9.64 -40.68
CA VAL C 197 7.48 -9.31 -39.30
C VAL C 197 7.11 -7.83 -39.21
N THR C 198 6.07 -7.56 -38.43
CA THR C 198 5.65 -6.20 -38.14
C THR C 198 5.86 -5.93 -36.66
N HIS C 199 6.43 -4.75 -36.39
CA HIS C 199 6.65 -4.27 -35.04
C HIS C 199 6.27 -2.80 -34.96
N GLN C 200 5.93 -2.37 -33.73
CA GLN C 200 5.59 -0.96 -33.54
C GLN C 200 6.77 -0.05 -33.87
N GLY C 201 7.99 -0.54 -33.70
CA GLY C 201 9.19 0.20 -33.99
C GLY C 201 9.67 0.13 -35.42
N LEU C 202 8.89 -0.47 -36.32
CA LEU C 202 9.25 -0.60 -37.72
C LEU C 202 8.28 0.21 -38.56
N SER C 203 8.82 1.15 -39.34
CA SER C 203 7.99 1.91 -40.27
C SER C 203 7.37 0.99 -41.32
N SER C 204 8.16 0.06 -41.83
CA SER C 204 7.73 -0.93 -42.81
C SER C 204 8.06 -2.32 -42.29
N PRO C 205 7.23 -3.31 -42.61
CA PRO C 205 7.54 -4.69 -42.18
C PRO C 205 8.85 -5.17 -42.76
N VAL C 206 9.58 -5.95 -41.96
CA VAL C 206 10.89 -6.48 -42.34
C VAL C 206 10.69 -7.89 -42.87
N THR C 207 11.03 -8.10 -44.14
CA THR C 207 10.88 -9.38 -44.80
C THR C 207 12.26 -9.95 -45.08
N LYS C 208 12.51 -11.16 -44.56
CA LYS C 208 13.76 -11.87 -44.78
C LYS C 208 13.46 -13.12 -45.62
N SER C 209 13.99 -13.13 -46.84
CA SER C 209 13.72 -14.17 -47.81
C SER C 209 14.98 -14.97 -48.10
N PHE C 210 14.78 -16.27 -48.36
CA PHE C 210 15.87 -17.14 -48.78
C PHE C 210 15.38 -18.00 -49.93
N ASN C 211 16.33 -18.47 -50.74
CA ASN C 211 16.05 -19.33 -51.88
C ASN C 211 16.33 -20.78 -51.51
N ARG C 212 15.41 -21.66 -51.89
CA ARG C 212 15.57 -23.09 -51.65
C ARG C 212 16.74 -23.66 -52.43
N TYR D 1 8.32 21.35 0.60
CA TYR D 1 7.29 20.86 1.51
C TYR D 1 6.10 20.29 0.73
N LEU D 2 6.22 20.28 -0.60
CA LEU D 2 5.18 19.68 -1.42
C LEU D 2 5.19 18.17 -1.33
N ARG D 3 6.30 17.58 -0.86
CA ARG D 3 6.43 16.12 -0.85
C ARG D 3 5.39 15.46 0.05
N ILE D 4 5.14 16.04 1.22
CA ILE D 4 4.18 15.44 2.15
C ILE D 4 2.78 15.46 1.55
N PHE D 5 2.40 16.56 0.90
CA PHE D 5 1.09 16.63 0.27
C PHE D 5 1.01 15.67 -0.92
N GLN D 6 2.13 15.43 -1.60
CA GLN D 6 2.15 14.43 -2.66
C GLN D 6 1.88 13.04 -2.12
N GLN D 7 2.30 12.76 -0.89
CA GLN D 7 2.02 11.48 -0.27
C GLN D 7 0.52 11.30 -0.07
N PRO D 8 -0.03 10.11 -0.34
CA PRO D 8 -1.48 9.91 -0.18
C PRO D 8 -1.99 10.08 1.24
N LYS D 9 -1.12 9.92 2.25
CA LYS D 9 -1.56 10.03 3.64
C LYS D 9 -2.06 11.43 3.95
N SER D 10 -1.42 12.45 3.38
CA SER D 10 -1.93 13.81 3.53
C SER D 10 -3.33 13.94 2.93
N ALA D 11 -3.55 13.32 1.77
CA ALA D 11 -4.86 13.37 1.13
C ALA D 11 -5.93 12.69 1.98
N ILE D 12 -5.62 11.52 2.53
CA ILE D 12 -6.61 10.83 3.36
C ILE D 12 -6.87 11.61 4.65
N LEU D 13 -5.83 12.22 5.22
CA LEU D 13 -6.03 13.07 6.39
C LEU D 13 -6.94 14.24 6.07
N LEU D 14 -6.72 14.90 4.93
CA LEU D 14 -7.55 16.03 4.54
C LEU D 14 -9.00 15.60 4.33
N ILE D 15 -9.21 14.48 3.62
CA ILE D 15 -10.57 14.05 3.32
C ILE D 15 -11.29 13.62 4.60
N LEU D 16 -10.56 13.03 5.55
CA LEU D 16 -11.21 12.62 6.81
C LEU D 16 -11.47 13.80 7.72
N GLY D 17 -10.61 14.82 7.70
CA GLY D 17 -10.94 16.06 8.38
C GLY D 17 -12.18 16.70 7.79
N PHE D 18 -12.31 16.66 6.45
CA PHE D 18 -13.53 17.13 5.82
C PHE D 18 -14.75 16.32 6.27
N ALA D 19 -14.59 15.00 6.35
CA ALA D 19 -15.69 14.14 6.77
C ALA D 19 -16.11 14.45 8.20
N SER D 20 -15.14 14.72 9.08
CA SER D 20 -15.48 15.07 10.45
C SER D 20 -16.13 16.45 10.53
N GLY D 21 -15.65 17.41 9.75
CA GLY D 21 -16.16 18.76 9.83
C GLY D 21 -17.53 18.95 9.20
N LEU D 22 -17.87 18.12 8.21
CA LEU D 22 -19.14 18.29 7.51
C LEU D 22 -20.36 18.22 8.42
N PRO D 23 -20.51 17.24 9.31
CA PRO D 23 -21.75 17.16 10.09
C PRO D 23 -21.90 18.24 11.16
N LEU D 24 -20.82 18.91 11.59
CA LEU D 24 -20.93 19.87 12.69
C LEU D 24 -21.85 21.02 12.32
N ALA D 25 -21.59 21.68 11.19
CA ALA D 25 -22.39 22.84 10.82
C ALA D 25 -23.80 22.43 10.40
N LEU D 26 -23.92 21.28 9.73
CA LEU D 26 -25.24 20.82 9.30
C LEU D 26 -26.12 20.48 10.50
N THR D 27 -25.52 19.93 11.56
CA THR D 27 -26.30 19.50 12.71
C THR D 27 -27.00 20.67 13.38
N SER D 28 -26.28 21.77 13.61
CA SER D 28 -26.84 22.91 14.32
C SER D 28 -26.96 24.16 13.46
N GLY D 29 -25.86 24.67 12.91
CA GLY D 29 -25.89 25.99 12.30
C GLY D 29 -26.78 26.06 11.07
N THR D 30 -26.61 25.10 10.15
CA THR D 30 -27.52 25.02 9.01
C THR D 30 -28.94 24.74 9.45
N LEU D 31 -29.10 23.97 10.54
CA LEU D 31 -30.44 23.73 11.07
C LEU D 31 -31.04 25.00 11.65
N GLN D 32 -30.22 25.82 12.33
CA GLN D 32 -30.71 27.12 12.77
C GLN D 32 -31.13 27.96 11.59
N ALA D 33 -30.36 27.92 10.49
CA ALA D 33 -30.73 28.69 9.30
C ALA D 33 -32.06 28.21 8.72
N TRP D 34 -32.24 26.89 8.62
CA TRP D 34 -33.49 26.35 8.09
C TRP D 34 -34.67 26.71 8.97
N MET D 35 -34.51 26.58 10.29
CA MET D 35 -35.59 26.98 11.17
C MET D 35 -35.85 28.47 11.12
N THR D 36 -34.82 29.28 10.89
CA THR D 36 -35.00 30.73 10.82
C THR D 36 -35.76 31.14 9.58
N VAL D 37 -35.45 30.54 8.42
CA VAL D 37 -36.26 30.83 7.24
C VAL D 37 -37.66 30.27 7.41
N GLU D 38 -37.81 29.14 8.11
CA GLU D 38 -39.13 28.70 8.52
C GLU D 38 -39.69 29.53 9.66
N ASN D 39 -38.88 30.41 10.26
CA ASN D 39 -39.19 31.25 11.41
C ASN D 39 -39.45 30.44 12.69
N ILE D 40 -39.19 29.14 12.67
CA ILE D 40 -39.40 28.31 13.86
C ILE D 40 -38.34 28.61 14.90
N ASP D 41 -38.77 28.67 16.16
CA ASP D 41 -37.83 28.87 17.25
C ASP D 41 -36.85 27.70 17.35
N LEU D 42 -37.33 26.47 17.10
CA LEU D 42 -36.56 25.26 17.33
C LEU D 42 -36.17 25.13 18.80
N LYS D 43 -36.87 25.84 19.67
CA LYS D 43 -36.70 25.69 21.10
C LYS D 43 -38.00 25.13 21.66
N THR D 44 -37.95 24.82 22.96
CA THR D 44 -39.02 24.20 23.74
C THR D 44 -39.29 22.76 23.31
N ILE D 45 -38.62 22.29 22.26
CA ILE D 45 -38.74 20.90 21.86
C ILE D 45 -38.07 20.00 22.89
N TRP D 46 -36.94 20.45 23.44
CA TRP D 46 -36.19 19.77 24.49
C TRP D 46 -35.51 18.50 23.96
N PHE D 47 -35.76 18.12 22.71
CA PHE D 47 -34.88 17.15 22.08
C PHE D 47 -33.66 17.84 21.48
N PHE D 48 -33.86 19.04 20.93
CA PHE D 48 -32.76 19.85 20.46
C PHE D 48 -31.97 20.39 21.65
N SER D 49 -30.78 20.91 21.35
CA SER D 49 -29.73 21.28 22.31
C SER D 49 -29.08 20.08 22.93
N LEU D 50 -29.51 18.86 22.60
CA LEU D 50 -28.69 17.69 22.81
C LEU D 50 -27.63 17.60 21.75
N VAL D 51 -27.83 18.26 20.60
CA VAL D 51 -26.85 18.24 19.53
C VAL D 51 -25.57 18.97 19.94
N GLY D 52 -25.72 20.06 20.72
CA GLY D 52 -24.55 20.73 21.24
C GLY D 52 -23.82 19.89 22.27
N GLN D 53 -24.56 19.24 23.16
CA GLN D 53 -23.95 18.42 24.20
C GLN D 53 -23.33 17.15 23.66
N ALA D 54 -23.76 16.71 22.47
CA ALA D 54 -23.23 15.47 21.90
C ALA D 54 -21.73 15.57 21.64
N TYR D 55 -21.29 16.69 21.07
CA TYR D 55 -19.85 16.87 20.85
C TYR D 55 -19.11 17.04 22.17
N VAL D 56 -19.70 17.76 23.12
CA VAL D 56 -19.04 18.02 24.39
C VAL D 56 -18.83 16.72 25.16
N PHE D 57 -19.84 15.86 25.18
CA PHE D 57 -19.83 14.64 25.99
C PHE D 57 -19.51 13.40 25.16
N LYS D 58 -18.68 13.55 24.12
CA LYS D 58 -18.26 12.40 23.33
C LYS D 58 -17.36 11.45 24.11
N PHE D 59 -16.66 11.96 25.13
CA PHE D 59 -15.79 11.12 25.93
C PHE D 59 -16.55 10.01 26.64
N LEU D 60 -17.86 10.15 26.79
CA LEU D 60 -18.67 9.05 27.30
C LEU D 60 -18.86 7.98 26.25
N TRP D 61 -19.01 8.37 24.97
CA TRP D 61 -19.16 7.38 23.92
C TRP D 61 -17.85 6.68 23.61
N SER D 62 -16.72 7.34 23.87
CA SER D 62 -15.42 6.84 23.41
C SER D 62 -15.04 5.43 23.86
N PRO D 63 -15.27 5.01 25.11
CA PRO D 63 -14.73 3.70 25.53
C PRO D 63 -15.24 2.53 24.71
N VAL D 64 -16.47 2.57 24.21
CA VAL D 64 -16.92 1.48 23.35
C VAL D 64 -16.14 1.50 22.03
N MET D 65 -15.71 2.69 21.59
CA MET D 65 -14.99 2.80 20.33
C MET D 65 -13.55 2.32 20.49
N ASP D 66 -12.91 2.62 21.61
CA ASP D 66 -11.54 2.14 21.78
C ASP D 66 -11.50 0.68 22.23
N ARG D 67 -12.58 0.19 22.83
CA ARG D 67 -12.65 -1.19 23.31
C ARG D 67 -12.96 -2.16 22.18
N TYR D 68 -13.90 -1.81 21.30
CA TYR D 68 -14.46 -2.75 20.34
C TYR D 68 -13.74 -2.63 19.00
N THR D 69 -13.34 -3.77 18.44
CA THR D 69 -12.77 -3.81 17.11
C THR D 69 -13.79 -4.38 16.14
N PRO D 70 -14.35 -3.57 15.23
CA PRO D 70 -15.34 -4.11 14.30
C PRO D 70 -14.73 -5.19 13.44
N PRO D 71 -15.52 -6.20 13.06
CA PRO D 71 -14.97 -7.29 12.22
C PRO D 71 -14.44 -6.79 10.88
N PHE D 72 -15.09 -5.79 10.29
CA PHE D 72 -14.62 -5.24 9.03
C PHE D 72 -13.50 -4.24 9.27
N LEU D 73 -12.50 -4.28 8.39
CA LEU D 73 -11.35 -3.36 8.41
C LEU D 73 -10.66 -3.52 9.75
N GLY D 74 -10.32 -2.45 10.46
CA GLY D 74 -9.74 -2.55 11.78
C GLY D 74 -10.60 -1.85 12.82
N ARG D 75 -10.07 -1.66 14.01
CA ARG D 75 -10.82 -0.94 15.04
C ARG D 75 -11.10 0.50 14.61
N ARG D 76 -10.03 1.25 14.31
CA ARG D 76 -10.18 2.64 13.91
C ARG D 76 -10.93 2.73 12.58
N ARG D 77 -10.47 2.00 11.57
CA ARG D 77 -11.11 2.09 10.25
C ARG D 77 -12.54 1.56 10.28
N GLY D 78 -12.78 0.46 11.00
CA GLY D 78 -14.13 -0.08 11.07
C GLY D 78 -15.10 0.85 11.77
N TRP D 79 -14.67 1.41 12.91
CA TRP D 79 -15.53 2.38 13.59
C TRP D 79 -15.76 3.61 12.71
N LEU D 80 -14.74 4.05 11.97
CA LEU D 80 -14.91 5.19 11.08
C LEU D 80 -15.93 4.88 10.00
N VAL D 81 -15.82 3.72 9.35
CA VAL D 81 -16.76 3.36 8.30
C VAL D 81 -18.18 3.30 8.85
N THR D 82 -18.34 2.67 10.02
CA THR D 82 -19.65 2.59 10.65
C THR D 82 -20.22 3.97 10.89
N THR D 83 -19.44 4.85 11.53
CA THR D 83 -19.95 6.17 11.89
C THR D 83 -20.32 6.99 10.66
N GLN D 84 -19.48 6.96 9.63
CA GLN D 84 -19.82 7.68 8.40
C GLN D 84 -21.05 7.09 7.74
N ILE D 85 -21.26 5.77 7.84
CA ILE D 85 -22.45 5.15 7.28
C ILE D 85 -23.70 5.67 7.98
N LEU D 86 -23.66 5.72 9.32
CA LEU D 86 -24.82 6.22 10.06
C LEU D 86 -25.07 7.69 9.75
N LEU D 87 -24.00 8.49 9.63
CA LEU D 87 -24.17 9.89 9.28
C LEU D 87 -24.80 10.07 7.91
N LEU D 88 -24.29 9.33 6.91
CA LEU D 88 -24.83 9.43 5.57
C LEU D 88 -26.30 9.04 5.55
N ILE D 89 -26.63 7.95 6.23
CA ILE D 89 -28.02 7.49 6.30
C ILE D 89 -28.90 8.55 6.96
N ALA D 90 -28.43 9.14 8.06
CA ALA D 90 -29.24 10.10 8.80
C ALA D 90 -29.45 11.38 7.99
N ILE D 91 -28.41 11.89 7.34
CA ILE D 91 -28.56 13.09 6.53
C ILE D 91 -29.49 12.83 5.35
N ALA D 92 -29.34 11.66 4.70
CA ALA D 92 -30.23 11.32 3.61
C ALA D 92 -31.67 11.18 4.09
N ALA D 93 -31.86 10.63 5.29
CA ALA D 93 -33.21 10.50 5.84
C ALA D 93 -33.83 11.86 6.12
N MET D 94 -33.05 12.79 6.69
CA MET D 94 -33.58 14.13 6.93
C MET D 94 -33.90 14.83 5.63
N GLY D 95 -33.07 14.65 4.60
CA GLY D 95 -33.40 15.18 3.29
C GLY D 95 -34.68 14.59 2.73
N PHE D 96 -34.86 13.28 2.91
CA PHE D 96 -36.09 12.63 2.47
C PHE D 96 -37.29 13.12 3.28
N LEU D 97 -37.06 13.49 4.54
CA LEU D 97 -38.16 13.88 5.42
C LEU D 97 -38.89 15.09 4.86
N GLU D 98 -40.22 15.00 4.83
CA GLU D 98 -41.06 16.01 4.22
C GLU D 98 -41.72 16.86 5.30
N PRO D 99 -41.44 18.17 5.37
CA PRO D 99 -42.11 19.01 6.37
C PRO D 99 -43.61 19.17 6.12
N GLY D 100 -44.12 18.65 5.00
CA GLY D 100 -45.54 18.81 4.70
C GLY D 100 -46.46 18.23 5.76
N THR D 101 -46.05 17.13 6.38
CA THR D 101 -46.89 16.47 7.38
C THR D 101 -46.87 17.20 8.72
N GLN D 102 -45.70 17.26 9.35
CA GLN D 102 -45.44 17.92 10.62
C GLN D 102 -43.92 18.04 10.76
N LEU D 103 -43.48 18.66 11.86
CA LEU D 103 -42.06 18.63 12.18
C LEU D 103 -41.61 17.19 12.42
N ARG D 104 -42.49 16.37 13.01
CA ARG D 104 -42.23 14.95 13.23
C ARG D 104 -40.94 14.85 14.04
N TRP D 105 -39.94 14.12 13.54
CA TRP D 105 -38.73 13.87 14.38
C TRP D 105 -37.49 14.54 13.78
N MET D 106 -37.60 15.81 13.38
CA MET D 106 -36.42 16.53 12.89
C MET D 106 -35.40 16.75 13.99
N ALA D 107 -35.84 17.11 15.19
CA ALA D 107 -34.92 17.31 16.30
C ALA D 107 -34.26 16.00 16.72
N ALA D 108 -35.03 14.92 16.77
CA ALA D 108 -34.45 13.62 17.11
C ALA D 108 -33.42 13.19 16.07
N LEU D 109 -33.71 13.41 14.80
CA LEU D 109 -32.75 13.06 13.75
C LEU D 109 -31.51 13.94 13.82
N ALA D 110 -31.68 15.22 14.19
CA ALA D 110 -30.52 16.07 14.39
C ALA D 110 -29.67 15.57 15.55
N VAL D 111 -30.29 15.11 16.63
CA VAL D 111 -29.53 14.55 17.75
C VAL D 111 -28.83 13.27 17.34
N VAL D 112 -29.48 12.46 16.50
CA VAL D 112 -28.83 11.26 15.99
C VAL D 112 -27.61 11.64 15.16
N ILE D 113 -27.75 12.64 14.30
CA ILE D 113 -26.62 13.12 13.51
C ILE D 113 -25.50 13.62 14.40
N ALA D 114 -25.85 14.36 15.46
CA ALA D 114 -24.84 14.89 16.37
C ALA D 114 -24.11 13.77 17.10
N PHE D 115 -24.85 12.76 17.57
CA PHE D 115 -24.23 11.63 18.25
C PHE D 115 -23.29 10.89 17.29
N CYS D 116 -23.77 10.58 16.08
CA CYS D 116 -22.93 9.88 15.12
C CYS D 116 -21.75 10.72 14.68
N SER D 117 -21.89 12.05 14.68
CA SER D 117 -20.80 12.92 14.27
C SER D 117 -19.75 13.06 15.37
N ALA D 118 -20.18 13.18 16.62
CA ALA D 118 -19.23 13.11 17.74
C ALA D 118 -18.51 11.78 17.74
N SER D 119 -19.24 10.72 17.39
CA SER D 119 -18.65 9.39 17.26
C SER D 119 -17.60 9.36 16.17
N GLN D 120 -17.93 9.90 14.99
CA GLN D 120 -16.97 9.93 13.88
C GLN D 120 -15.77 10.78 14.22
N ASP D 121 -15.99 11.90 14.90
CA ASP D 121 -14.87 12.71 15.38
C ASP D 121 -13.96 11.90 16.28
N ILE D 122 -14.55 11.20 17.26
CA ILE D 122 -13.77 10.35 18.16
C ILE D 122 -12.90 9.39 17.36
N VAL D 123 -13.52 8.71 16.40
CA VAL D 123 -12.81 7.67 15.67
C VAL D 123 -11.75 8.27 14.76
N PHE D 124 -12.06 9.41 14.12
CA PHE D 124 -11.07 10.07 13.28
C PHE D 124 -9.88 10.57 14.09
N ASP D 125 -10.15 11.13 15.27
CA ASP D 125 -9.07 11.59 16.13
C ASP D 125 -8.20 10.41 16.58
N ALA D 126 -8.82 9.28 16.91
CA ALA D 126 -8.05 8.11 17.30
C ALA D 126 -7.23 7.58 16.12
N TRP D 127 -7.85 7.47 14.95
CA TRP D 127 -7.14 6.96 13.78
C TRP D 127 -5.99 7.87 13.40
N LYS D 128 -6.21 9.18 13.47
CA LYS D 128 -5.16 10.15 13.19
C LYS D 128 -4.04 10.07 14.23
N THR D 129 -4.39 9.82 15.49
CA THR D 129 -3.37 9.69 16.53
C THR D 129 -2.47 8.48 16.28
N ASP D 130 -3.08 7.33 15.98
CA ASP D 130 -2.28 6.12 15.82
C ASP D 130 -1.52 6.11 14.50
N VAL D 131 -2.17 6.53 13.40
CA VAL D 131 -1.57 6.37 12.08
C VAL D 131 -0.40 7.32 11.89
N LEU D 132 -0.42 8.47 12.55
CA LEU D 132 0.57 9.51 12.26
C LEU D 132 1.85 9.29 13.04
N PRO D 133 3.01 9.24 12.38
CA PRO D 133 4.28 9.18 13.10
C PRO D 133 4.51 10.44 13.91
N ALA D 134 5.45 10.35 14.87
CA ALA D 134 5.66 11.42 15.84
C ALA D 134 6.00 12.74 15.16
N GLU D 135 6.97 12.72 14.24
CA GLU D 135 7.34 13.95 13.55
C GLU D 135 6.26 14.37 12.56
N GLU D 136 5.51 13.42 12.02
CA GLU D 136 4.39 13.73 11.13
C GLU D 136 3.14 14.17 11.90
N ARG D 137 3.16 14.08 13.23
CA ARG D 137 1.97 14.40 14.00
C ARG D 137 1.53 15.83 13.78
N GLY D 138 2.48 16.78 13.81
CA GLY D 138 2.11 18.18 13.64
C GLY D 138 1.51 18.48 12.27
N THR D 139 2.16 17.98 11.21
CA THR D 139 1.66 18.27 9.87
C THR D 139 0.35 17.56 9.61
N GLY D 140 0.17 16.34 10.12
CA GLY D 140 -1.09 15.65 9.97
C GLY D 140 -2.22 16.33 10.73
N ALA D 141 -1.93 16.83 11.93
CA ALA D 141 -2.90 17.64 12.65
C ALA D 141 -3.25 18.89 11.85
N ALA D 142 -2.26 19.51 11.21
CA ALA D 142 -2.52 20.68 10.39
C ALA D 142 -3.46 20.36 9.24
N ILE D 143 -3.21 19.25 8.54
CA ILE D 143 -4.05 18.89 7.40
C ILE D 143 -5.46 18.52 7.88
N SER D 144 -5.56 17.83 9.02
CA SER D 144 -6.86 17.49 9.57
C SER D 144 -7.65 18.75 9.95
N VAL D 145 -6.96 19.72 10.54
CA VAL D 145 -7.62 20.98 10.88
C VAL D 145 -8.07 21.71 9.62
N LEU D 146 -7.24 21.70 8.58
CA LEU D 146 -7.60 22.34 7.32
C LEU D 146 -8.86 21.69 6.74
N GLY D 147 -8.89 20.37 6.67
CA GLY D 147 -10.06 19.68 6.17
C GLY D 147 -11.29 19.93 7.04
N TYR D 148 -11.08 20.00 8.36
CA TYR D 148 -12.18 20.26 9.29
C TYR D 148 -12.79 21.63 9.02
N ARG D 149 -11.94 22.66 8.94
CA ARG D 149 -12.42 24.00 8.67
C ARG D 149 -13.12 24.06 7.32
N LEU D 150 -12.57 23.41 6.30
CA LEU D 150 -13.21 23.39 4.98
C LEU D 150 -14.58 22.74 5.05
N GLY D 151 -14.72 21.67 5.84
CA GLY D 151 -16.02 21.04 6.03
C GLY D 151 -17.01 21.97 6.71
N MET D 152 -16.56 22.67 7.76
CA MET D 152 -17.44 23.65 8.40
C MET D 152 -17.83 24.76 7.42
N LEU D 153 -16.91 25.14 6.54
CA LEU D 153 -17.19 26.19 5.56
C LEU D 153 -18.24 25.74 4.56
N VAL D 154 -18.10 24.52 4.04
CA VAL D 154 -19.05 24.07 3.03
C VAL D 154 -20.42 23.81 3.66
N SER D 155 -20.45 23.20 4.85
CA SER D 155 -21.73 22.90 5.47
C SER D 155 -22.39 24.13 6.09
N GLY D 156 -21.63 25.18 6.39
CA GLY D 156 -22.19 26.35 7.04
C GLY D 156 -22.28 27.58 6.18
N GLY D 157 -21.32 27.77 5.27
CA GLY D 157 -21.25 28.98 4.48
C GLY D 157 -21.58 28.84 3.00
N LEU D 158 -21.49 27.62 2.47
CA LEU D 158 -22.01 27.35 1.13
C LEU D 158 -23.46 26.91 1.20
N ALA D 159 -23.95 26.60 2.40
CA ALA D 159 -25.31 26.07 2.57
C ALA D 159 -26.34 27.12 2.19
N LEU D 160 -26.17 28.36 2.66
CA LEU D 160 -27.14 29.40 2.32
C LEU D 160 -27.13 29.70 0.84
N TRP D 161 -25.95 29.81 0.24
CA TRP D 161 -25.85 30.09 -1.20
C TRP D 161 -26.52 28.97 -2.00
N MET D 162 -26.34 27.72 -1.58
CA MET D 162 -26.91 26.59 -2.30
C MET D 162 -28.42 26.51 -2.10
N ALA D 163 -28.89 26.78 -0.88
CA ALA D 163 -30.32 26.67 -0.60
C ALA D 163 -31.11 27.79 -1.26
N ASP D 164 -30.59 29.01 -1.23
CA ASP D 164 -31.30 30.13 -1.85
C ASP D 164 -31.46 29.94 -3.34
N LYS D 165 -30.51 29.27 -4.00
CA LYS D 165 -30.63 29.00 -5.43
C LYS D 165 -31.49 27.75 -5.61
N TRP D 166 -31.55 27.24 -6.84
CA TRP D 166 -32.52 26.22 -7.21
C TRP D 166 -32.36 24.92 -6.41
N LEU D 167 -31.19 24.68 -5.83
CA LEU D 167 -30.86 23.36 -5.30
C LEU D 167 -31.83 22.93 -4.20
N GLY D 168 -32.08 23.79 -3.23
CA GLY D 168 -33.03 23.49 -2.17
C GLY D 168 -32.43 22.66 -1.05
N TRP D 169 -33.22 22.51 0.02
CA TRP D 169 -32.73 21.84 1.22
C TRP D 169 -32.60 20.33 1.01
N GLN D 170 -33.57 19.71 0.35
CA GLN D 170 -33.53 18.27 0.10
C GLN D 170 -32.28 17.90 -0.70
N GLY D 171 -32.09 18.56 -1.84
CA GLY D 171 -30.90 18.31 -2.64
C GLY D 171 -29.63 18.70 -1.94
N MET D 172 -29.67 19.76 -1.13
CA MET D 172 -28.50 20.15 -0.34
C MET D 172 -28.06 19.02 0.58
N TYR D 173 -29.02 18.44 1.31
CA TYR D 173 -28.69 17.35 2.24
C TYR D 173 -28.22 16.11 1.49
N TRP D 174 -28.87 15.76 0.38
CA TRP D 174 -28.44 14.59 -0.36
C TRP D 174 -27.07 14.80 -1.00
N LEU D 175 -26.74 16.04 -1.36
CA LEU D 175 -25.41 16.34 -1.89
C LEU D 175 -24.36 16.29 -0.79
N MET D 176 -24.73 16.66 0.43
CA MET D 176 -23.85 16.41 1.56
C MET D 176 -23.62 14.92 1.76
N ALA D 177 -24.67 14.12 1.60
CA ALA D 177 -24.51 12.66 1.67
C ALA D 177 -23.57 12.16 0.57
N ALA D 178 -23.72 12.68 -0.65
CA ALA D 178 -22.85 12.30 -1.75
C ALA D 178 -21.41 12.70 -1.48
N LEU D 179 -21.20 13.88 -0.89
CA LEU D 179 -19.86 14.32 -0.52
C LEU D 179 -19.32 13.53 0.66
N LEU D 180 -20.20 12.90 1.43
CA LEU D 180 -19.76 11.95 2.45
C LEU D 180 -19.34 10.61 1.85
N VAL D 181 -19.92 10.26 0.69
CA VAL D 181 -19.59 8.97 0.06
C VAL D 181 -18.08 8.81 -0.20
N PRO D 182 -17.39 9.75 -0.86
CA PRO D 182 -15.95 9.52 -1.08
C PRO D 182 -15.15 9.58 0.18
N CYS D 183 -15.67 10.22 1.23
CA CYS D 183 -15.06 10.09 2.55
C CYS D 183 -15.10 8.64 3.02
N ILE D 184 -16.22 7.95 2.80
CA ILE D 184 -16.31 6.55 3.16
C ILE D 184 -15.34 5.71 2.32
N ILE D 185 -15.29 5.97 1.01
CA ILE D 185 -14.38 5.22 0.16
C ILE D 185 -12.94 5.44 0.58
N ALA D 186 -12.57 6.69 0.87
CA ALA D 186 -11.21 6.98 1.28
C ALA D 186 -10.91 6.42 2.67
N THR D 187 -11.89 6.35 3.56
CA THR D 187 -11.70 5.65 4.82
C THR D 187 -11.37 4.19 4.56
N LEU D 188 -12.04 3.57 3.58
CA LEU D 188 -11.62 2.23 3.17
C LEU D 188 -10.20 2.24 2.64
N LEU D 189 -9.82 3.26 1.88
CA LEU D 189 -8.44 3.36 1.41
C LEU D 189 -7.47 3.82 2.50
N ALA D 190 -7.98 4.26 3.64
CA ALA D 190 -7.12 4.77 4.70
C ALA D 190 -6.26 3.64 5.26
N PRO D 191 -5.05 3.96 5.73
CA PRO D 191 -4.22 2.95 6.38
C PRO D 191 -4.80 2.58 7.74
N GLU D 192 -4.39 1.42 8.25
CA GLU D 192 -4.86 1.08 9.58
C GLU D 192 -3.74 0.47 10.42
N PRO D 193 -3.37 1.11 11.53
CA PRO D 193 -2.34 0.54 12.40
C PRO D 193 -3.08 -0.11 13.56
N SER D 194 -3.70 -1.27 13.33
CA SER D 194 -4.52 -1.81 14.44
C SER D 194 -3.64 -2.07 15.65
N ALA D 195 -2.46 -2.65 15.43
CA ALA D 195 -1.49 -2.78 16.53
C ALA D 195 -2.24 -3.44 17.68
N ASP D 196 -2.19 -2.87 18.87
CA ASP D 196 -3.00 -3.33 20.02
C ASP D 196 -2.56 -4.67 20.57
N LEU D 197 -1.61 -4.66 21.49
CA LEU D 197 -1.26 -5.89 22.17
C LEU D 197 -2.47 -6.44 22.93
N ALA D 198 -3.27 -5.56 23.53
CA ALA D 198 -4.49 -6.01 24.19
C ALA D 198 -5.46 -6.66 23.21
N ASP D 199 -5.61 -6.06 22.02
CA ASP D 199 -6.51 -6.64 21.02
C ASP D 199 -6.00 -7.98 20.50
N ASN D 200 -4.70 -8.07 20.23
CA ASN D 200 -4.15 -9.34 19.76
C ASN D 200 -4.25 -10.42 20.84
N TRP D 201 -4.00 -10.05 22.10
CA TRP D 201 -4.15 -11.01 23.17
C TRP D 201 -5.61 -11.41 23.37
N GLU D 202 -6.54 -10.49 23.11
CA GLU D 202 -7.95 -10.82 23.20
C GLU D 202 -8.38 -11.75 22.07
N THR D 203 -7.83 -11.56 20.86
CA THR D 203 -8.07 -12.52 19.79
C THR D 203 -7.49 -13.88 20.14
N LEU D 204 -6.28 -13.90 20.71
CA LEU D 204 -5.67 -15.11 21.21
C LEU D 204 -6.61 -15.83 22.17
N ASN D 205 -7.15 -15.11 23.15
CA ASN D 205 -8.00 -15.72 24.16
C ASN D 205 -9.35 -16.13 23.60
N ASP D 206 -9.93 -15.32 22.70
CA ASP D 206 -11.20 -15.69 22.10
C ASP D 206 -11.08 -16.99 21.31
N ASN D 207 -10.01 -17.13 20.52
CA ASN D 207 -9.83 -18.35 19.77
C ASN D 207 -9.45 -19.53 20.67
N LEU D 208 -8.70 -19.27 21.74
CA LEU D 208 -8.43 -20.34 22.69
C LEU D 208 -9.73 -20.81 23.35
N LYS D 209 -10.64 -19.89 23.64
CA LYS D 209 -11.93 -20.26 24.21
C LYS D 209 -12.78 -21.03 23.22
N VAL D 210 -12.82 -20.61 21.96
CA VAL D 210 -13.54 -21.39 20.96
C VAL D 210 -12.81 -22.70 20.66
N ILE D 211 -11.58 -22.85 21.14
CA ILE D 211 -10.85 -24.10 21.02
C ILE D 211 -11.07 -25.04 22.21
N GLU D 212 -11.48 -24.52 23.37
CA GLU D 212 -11.80 -25.41 24.48
C GLU D 212 -12.91 -26.40 24.12
N LYS D 213 -13.55 -26.21 22.97
CA LYS D 213 -14.49 -27.15 22.37
C LYS D 213 -13.78 -28.15 21.46
N ALA D 214 -12.53 -28.50 21.77
CA ALA D 214 -11.68 -29.34 20.92
C ALA D 214 -12.10 -30.80 21.03
N ASP D 215 -13.28 -31.08 20.46
CA ASP D 215 -13.69 -32.43 20.11
C ASP D 215 -14.31 -32.49 18.73
N ASN D 216 -14.56 -31.34 18.10
CA ASN D 216 -15.19 -31.26 16.80
C ASN D 216 -14.18 -31.17 15.66
N ALA D 217 -13.08 -30.42 15.88
CA ALA D 217 -11.96 -30.30 14.95
C ALA D 217 -12.38 -29.68 13.62
N ALA D 218 -13.64 -29.28 13.51
CA ALA D 218 -14.10 -28.46 12.41
C ALA D 218 -13.85 -26.97 12.65
N GLN D 219 -13.30 -26.64 13.83
CA GLN D 219 -12.98 -25.27 14.19
C GLN D 219 -11.61 -25.10 14.84
N VAL D 220 -10.97 -26.18 15.30
CA VAL D 220 -9.72 -26.05 16.04
C VAL D 220 -8.60 -25.57 15.13
N LYS D 221 -8.57 -26.03 13.87
CA LYS D 221 -7.51 -25.62 12.96
C LYS D 221 -7.56 -24.12 12.67
N ASP D 222 -8.74 -23.62 12.29
CA ASP D 222 -8.87 -22.20 11.97
C ASP D 222 -8.60 -21.33 13.18
N ALA D 223 -9.11 -21.74 14.34
CA ALA D 223 -8.92 -20.94 15.54
C ALA D 223 -7.46 -20.94 15.99
N LEU D 224 -6.77 -22.07 15.82
CA LEU D 224 -5.34 -22.11 16.12
C LEU D 224 -4.55 -21.26 15.14
N THR D 225 -4.96 -21.23 13.87
CA THR D 225 -4.32 -20.34 12.91
C THR D 225 -4.49 -18.88 13.33
N LYS D 226 -5.71 -18.51 13.77
CA LYS D 226 -5.95 -17.17 14.25
C LYS D 226 -5.12 -16.87 15.50
N MET D 227 -5.01 -17.84 16.40
CA MET D 227 -4.17 -17.67 17.58
C MET D 227 -2.72 -17.43 17.20
N ARG D 228 -2.22 -18.20 16.23
CA ARG D 228 -0.82 -18.06 15.84
C ARG D 228 -0.56 -16.70 15.21
N ALA D 229 -1.47 -16.24 14.34
CA ALA D 229 -1.32 -14.91 13.76
C ALA D 229 -1.37 -13.84 14.83
N ALA D 230 -2.31 -13.95 15.78
CA ALA D 230 -2.42 -12.95 16.83
C ALA D 230 -1.18 -12.95 17.73
N ALA D 231 -0.64 -14.12 18.03
CA ALA D 231 0.54 -14.20 18.89
C ALA D 231 1.77 -13.65 18.17
N LEU D 232 1.91 -13.94 16.87
CA LEU D 232 3.02 -13.36 16.11
C LEU D 232 2.89 -11.84 16.07
N ASP D 233 1.66 -11.33 15.89
CA ASP D 233 1.44 -9.90 15.86
C ASP D 233 1.74 -9.25 17.21
N ALA D 234 1.34 -9.90 18.30
CA ALA D 234 1.52 -9.34 19.63
C ALA D 234 2.95 -9.49 20.13
N GLN D 235 3.73 -10.38 19.52
CA GLN D 235 5.13 -10.50 19.93
C GLN D 235 5.93 -9.25 19.60
N LYS D 236 5.67 -8.66 18.43
CA LYS D 236 6.39 -7.46 18.02
C LYS D 236 5.82 -6.19 18.63
N ALA D 237 4.68 -6.29 19.32
CA ALA D 237 4.11 -5.14 20.01
C ALA D 237 4.85 -4.93 21.34
N THR D 238 4.50 -3.85 22.02
CA THR D 238 5.13 -3.52 23.30
C THR D 238 4.09 -3.52 24.41
N PRO D 239 4.37 -4.14 25.56
CA PRO D 239 3.39 -4.19 26.64
C PRO D 239 3.41 -2.89 27.43
N PRO D 240 2.34 -2.60 28.17
CA PRO D 240 2.38 -1.46 29.09
C PRO D 240 3.41 -1.67 30.18
N LYS D 241 3.92 -0.55 30.70
CA LYS D 241 5.02 -0.44 31.66
C LYS D 241 6.37 -0.79 31.02
N LEU D 242 6.41 -1.20 29.75
CA LEU D 242 7.65 -1.51 29.07
C LEU D 242 7.79 -0.76 27.74
N GLU D 243 6.92 0.21 27.46
CA GLU D 243 6.97 0.90 26.18
C GLU D 243 8.26 1.69 26.03
N ASP D 244 8.72 2.33 27.12
CA ASP D 244 9.96 3.10 27.07
C ASP D 244 11.19 2.22 26.87
N LYS D 245 11.10 0.93 27.16
CA LYS D 245 12.22 0.01 26.97
C LYS D 245 12.06 -0.75 25.65
N SER D 246 12.12 0.00 24.55
CA SER D 246 11.90 -0.57 23.23
C SER D 246 13.10 -1.32 22.68
N PRO D 247 14.34 -0.77 22.73
CA PRO D 247 15.46 -1.45 22.03
C PRO D 247 16.03 -2.68 22.73
N ASP D 248 15.32 -3.80 22.62
CA ASP D 248 15.83 -5.11 23.01
C ASP D 248 16.31 -5.13 24.46
N SER D 249 15.51 -4.53 25.34
CA SER D 249 15.81 -4.58 26.77
C SER D 249 15.62 -6.00 27.30
N PRO D 250 16.24 -6.33 28.44
CA PRO D 250 16.00 -7.66 29.03
C PRO D 250 14.54 -7.94 29.33
N GLU D 251 13.78 -6.92 29.75
CA GLU D 251 12.36 -7.12 30.01
C GLU D 251 11.61 -7.48 28.72
N MET D 252 11.84 -6.72 27.65
CA MET D 252 11.25 -7.08 26.37
C MET D 252 11.83 -8.37 25.81
N LYS D 253 13.06 -8.73 26.20
CA LYS D 253 13.59 -10.04 25.82
C LYS D 253 12.78 -11.16 26.47
N ASP D 254 12.43 -11.00 27.75
CA ASP D 254 11.57 -11.98 28.40
C ASP D 254 10.18 -12.00 27.77
N PHE D 255 9.67 -10.82 27.40
CA PHE D 255 8.40 -10.75 26.68
C PHE D 255 8.45 -11.55 25.38
N ARG D 256 9.49 -11.31 24.57
CA ARG D 256 9.63 -12.00 23.30
C ARG D 256 9.83 -13.50 23.49
N HIS D 257 10.57 -13.89 24.53
CA HIS D 257 10.77 -15.31 24.80
C HIS D 257 9.46 -15.98 25.24
N GLY D 258 8.65 -15.28 26.04
CA GLY D 258 7.35 -15.82 26.40
C GLY D 258 6.48 -16.03 25.18
N PHE D 259 6.48 -15.07 24.26
CA PHE D 259 5.69 -15.26 23.05
C PHE D 259 6.31 -16.30 22.13
N ASP D 260 7.64 -16.47 22.17
CA ASP D 260 8.28 -17.58 21.47
C ASP D 260 7.74 -18.91 21.94
N ILE D 261 7.73 -19.10 23.27
CA ILE D 261 7.22 -20.35 23.84
C ILE D 261 5.75 -20.52 23.50
N LEU D 262 4.96 -19.44 23.59
CA LEU D 262 3.54 -19.52 23.28
C LEU D 262 3.32 -19.97 21.84
N VAL D 263 4.01 -19.34 20.89
CA VAL D 263 3.84 -19.70 19.49
C VAL D 263 4.37 -21.10 19.23
N GLY D 264 5.34 -21.56 20.03
CA GLY D 264 5.73 -22.97 19.95
C GLY D 264 4.64 -23.92 20.40
N GLN D 265 3.89 -23.54 21.43
CA GLN D 265 2.78 -24.38 21.87
C GLN D 265 1.64 -24.36 20.85
N ILE D 266 1.41 -23.22 20.21
CA ILE D 266 0.47 -23.20 19.08
C ILE D 266 1.01 -24.05 17.94
N ASP D 267 2.32 -24.08 17.76
CA ASP D 267 2.93 -24.99 16.78
C ASP D 267 2.57 -26.43 17.07
N ASP D 268 2.74 -26.86 18.33
CA ASP D 268 2.42 -28.25 18.67
C ASP D 268 0.93 -28.54 18.53
N ALA D 269 0.08 -27.62 18.99
CA ALA D 269 -1.36 -27.81 18.88
C ALA D 269 -1.79 -27.88 17.41
N LEU D 270 -1.21 -27.03 16.56
CA LEU D 270 -1.53 -27.04 15.15
C LEU D 270 -0.97 -28.27 14.46
N LYS D 271 0.18 -28.78 14.93
CA LYS D 271 0.68 -30.05 14.43
C LYS D 271 -0.31 -31.16 14.71
N LEU D 272 -0.87 -31.19 15.92
CA LEU D 272 -1.82 -32.24 16.27
C LEU D 272 -3.17 -32.04 15.57
N ALA D 273 -3.55 -30.79 15.31
CA ALA D 273 -4.82 -30.53 14.63
C ALA D 273 -4.73 -30.85 13.14
N ASN D 274 -3.58 -30.58 12.51
CA ASN D 274 -3.41 -30.89 11.09
C ASN D 274 -3.44 -32.39 10.85
N GLU D 275 -3.01 -33.19 11.83
CA GLU D 275 -3.17 -34.63 11.74
C GLU D 275 -4.63 -35.06 11.76
N GLY D 276 -5.54 -34.14 12.11
CA GLY D 276 -6.92 -34.51 12.36
C GLY D 276 -7.13 -35.25 13.65
N LYS D 277 -6.14 -35.24 14.55
CA LYS D 277 -6.16 -36.09 15.73
C LYS D 277 -7.11 -35.54 16.78
N VAL D 278 -7.85 -36.46 17.41
CA VAL D 278 -8.74 -36.14 18.52
C VAL D 278 -8.04 -36.38 19.86
N LYS D 279 -7.58 -37.62 20.08
CA LYS D 279 -7.12 -38.03 21.41
C LYS D 279 -5.79 -37.40 21.77
N GLU D 280 -4.81 -37.48 20.87
CA GLU D 280 -3.51 -36.86 21.11
C GLU D 280 -3.65 -35.36 21.27
N ALA D 281 -4.48 -34.74 20.42
CA ALA D 281 -4.71 -33.31 20.53
C ALA D 281 -5.31 -32.96 21.88
N GLN D 282 -6.25 -33.78 22.37
CA GLN D 282 -6.87 -33.48 23.66
C GLN D 282 -5.90 -33.66 24.82
N ALA D 283 -5.05 -34.70 24.75
CA ALA D 283 -4.05 -34.90 25.80
C ALA D 283 -3.06 -33.74 25.85
N ALA D 284 -2.48 -33.39 24.70
CA ALA D 284 -1.59 -32.24 24.67
C ALA D 284 -2.32 -30.93 24.87
N ALA D 285 -3.64 -30.89 24.71
CA ALA D 285 -4.40 -29.69 25.02
C ALA D 285 -4.57 -29.53 26.52
N GLU D 286 -4.75 -30.64 27.24
CA GLU D 286 -4.71 -30.58 28.69
C GLU D 286 -3.32 -30.16 29.18
N GLN D 287 -2.27 -30.68 28.51
CA GLN D 287 -0.92 -30.23 28.84
C GLN D 287 -0.74 -28.74 28.51
N LEU D 288 -1.35 -28.28 27.43
CA LEU D 288 -1.35 -26.86 27.07
C LEU D 288 -2.05 -26.02 28.14
N LYS D 289 -3.16 -26.53 28.66
CA LYS D 289 -3.86 -25.86 29.75
C LYS D 289 -2.96 -25.77 30.98
N THR D 290 -2.25 -26.86 31.29
CA THR D 290 -1.31 -26.82 32.40
C THR D 290 -0.21 -25.79 32.18
N THR D 291 0.36 -25.75 30.97
CA THR D 291 1.43 -24.81 30.68
C THR D 291 0.95 -23.37 30.69
N ARG D 292 -0.29 -23.11 30.24
CA ARG D 292 -0.84 -21.77 30.35
C ARG D 292 -1.18 -21.43 31.79
N ASN D 293 -1.43 -22.44 32.63
CA ASN D 293 -1.57 -22.22 34.07
C ASN D 293 -0.22 -22.09 34.76
N ALA D 294 0.88 -22.31 34.04
CA ALA D 294 2.21 -22.26 34.64
C ALA D 294 3.12 -21.19 34.07
N TYR D 295 3.01 -20.85 32.78
CA TYR D 295 4.05 -20.10 32.09
C TYR D 295 3.59 -18.76 31.55
N ILE D 296 2.47 -18.69 30.82
CA ILE D 296 2.23 -17.59 29.90
C ILE D 296 1.49 -16.41 30.52
N GLN D 297 1.23 -16.42 31.83
CA GLN D 297 0.58 -15.29 32.47
C GLN D 297 1.47 -14.06 32.53
N LYS D 298 2.75 -14.20 32.19
CA LYS D 298 3.76 -13.18 32.48
C LYS D 298 3.35 -11.81 31.99
N TYR D 299 2.80 -11.72 30.78
CA TYR D 299 2.43 -10.43 30.19
C TYR D 299 0.96 -10.45 29.82
N LEU D 300 0.16 -9.83 30.67
CA LEU D 300 -1.29 -9.60 30.40
C LEU D 300 -2.06 -10.88 30.07
N GLY D 301 -1.96 -11.85 30.92
CA GLY D 301 -2.85 -13.01 30.71
C GLY D 301 -4.21 -12.76 31.33
N VAL D 302 -4.97 -11.83 30.74
CA VAL D 302 -6.25 -11.38 31.28
C VAL D 302 -7.25 -11.18 30.13
N PRO D 303 -8.56 -11.26 30.44
CA PRO D 303 -9.55 -10.94 29.42
C PRO D 303 -9.53 -9.44 29.07
N ARG D 304 -10.27 -9.04 28.04
CA ARG D 304 -10.22 -7.60 27.64
C ARG D 304 -11.49 -6.86 28.09
N THR D 305 -12.67 -7.49 27.95
CA THR D 305 -13.94 -6.86 28.34
C THR D 305 -14.03 -6.81 29.86
N LEU D 306 -14.04 -5.61 30.38
CA LEU D 306 -14.05 -5.38 31.82
C LEU D 306 -14.66 -4.01 32.01
N GLU D 307 -14.89 -3.67 33.28
CA GLU D 307 -15.26 -2.28 33.49
C GLU D 307 -14.15 -1.43 32.96
N GLN D 308 -12.93 -1.92 33.16
CA GLN D 308 -11.70 -1.40 32.57
C GLN D 308 -11.92 -0.94 31.13
N ALA D 309 -12.67 -1.66 30.31
CA ALA D 309 -12.92 -1.15 28.95
C ALA D 309 -13.17 0.36 29.01
N VAL D 310 -13.85 0.83 30.07
CA VAL D 310 -14.07 2.26 30.29
C VAL D 310 -13.10 2.88 31.32
N VAL D 311 -12.50 2.08 32.22
CA VAL D 311 -11.64 2.66 33.26
C VAL D 311 -10.19 2.76 32.79
N ALA D 312 -9.73 1.78 32.00
CA ALA D 312 -8.32 1.69 31.62
C ALA D 312 -7.77 2.94 30.95
N PRO D 313 -8.47 3.63 30.03
CA PRO D 313 -7.90 4.87 29.48
C PRO D 313 -7.64 5.92 30.57
N LEU D 314 -8.65 6.19 31.40
CA LEU D 314 -8.44 7.15 32.49
C LEU D 314 -7.37 6.67 33.46
N ARG D 315 -7.38 5.37 33.78
CA ARG D 315 -6.39 4.84 34.69
C ARG D 315 -5.00 5.05 34.14
N ASP D 316 -4.81 4.79 32.85
CA ASP D 316 -3.49 5.00 32.28
C ASP D 316 -3.12 6.47 32.30
N PHE D 317 -4.02 7.32 31.81
CA PHE D 317 -3.69 8.72 31.67
C PHE D 317 -3.32 9.33 33.02
N PHE D 318 -4.10 9.03 34.03
CA PHE D 318 -3.80 9.53 35.34
C PHE D 318 -2.58 8.84 35.92
N GLY D 319 -2.30 7.60 35.52
CA GLY D 319 -1.11 6.93 36.01
C GLY D 319 0.19 7.52 35.49
N ARG D 320 0.14 8.21 34.35
CA ARG D 320 1.34 8.81 33.79
C ARG D 320 1.86 9.91 34.71
N ASN D 321 3.18 10.02 34.79
CA ASN D 321 3.80 11.14 35.49
C ASN D 321 3.49 12.44 34.74
N ASN D 322 3.36 13.52 35.50
CA ASN D 322 2.99 14.83 34.96
C ASN D 322 1.66 14.75 34.20
N ALA D 323 0.71 13.98 34.74
CA ALA D 323 -0.61 13.87 34.15
C ALA D 323 -1.49 15.09 34.44
N TRP D 324 -1.46 15.60 35.67
CA TRP D 324 -2.27 16.76 36.01
C TRP D 324 -1.66 18.05 35.49
N LEU D 325 -0.33 18.13 35.40
CA LEU D 325 0.28 19.26 34.73
C LEU D 325 -0.16 19.32 33.27
N ILE D 326 -0.19 18.17 32.59
CA ILE D 326 -0.65 18.13 31.21
C ILE D 326 -2.15 18.42 31.14
N LEU D 327 -2.92 17.95 32.14
CA LEU D 327 -4.34 18.26 32.20
C LEU D 327 -4.58 19.77 32.21
N LEU D 328 -3.92 20.47 33.13
CA LEU D 328 -4.04 21.91 33.21
C LEU D 328 -3.50 22.59 31.95
N LEU D 329 -2.40 22.09 31.40
CA LEU D 329 -1.85 22.66 30.18
C LEU D 329 -2.85 22.56 29.04
N ILE D 330 -3.55 21.43 28.93
CA ILE D 330 -4.57 21.28 27.91
C ILE D 330 -5.73 22.26 28.16
N VAL D 331 -6.11 22.42 29.43
CA VAL D 331 -7.24 23.31 29.73
C VAL D 331 -6.90 24.75 29.33
N LEU D 332 -5.74 25.26 29.75
CA LEU D 332 -5.46 26.68 29.65
C LEU D 332 -4.38 27.03 28.63
N TYR D 333 -4.02 26.12 27.72
CA TYR D 333 -3.09 26.51 26.66
C TYR D 333 -3.74 27.46 25.67
N LYS D 334 -4.93 27.12 25.19
CA LYS D 334 -5.69 27.95 24.27
C LYS D 334 -6.58 28.96 24.98
N LEU D 335 -6.25 29.29 26.24
CA LEU D 335 -7.08 30.21 27.01
C LEU D 335 -7.09 31.60 26.37
N GLY D 336 -5.93 32.07 25.90
CA GLY D 336 -5.88 33.37 25.26
C GLY D 336 -6.66 33.43 23.98
N ASP D 337 -6.57 32.39 23.15
CA ASP D 337 -7.35 32.34 21.92
C ASP D 337 -8.83 32.30 22.22
N ALA D 338 -9.23 31.54 23.24
CA ALA D 338 -10.64 31.53 23.63
C ALA D 338 -11.08 32.92 24.06
N PHE D 339 -10.26 33.61 24.86
CA PHE D 339 -10.59 34.97 25.30
C PHE D 339 -10.75 35.91 24.12
N ALA D 340 -9.86 35.82 23.15
CA ALA D 340 -9.91 36.75 22.01
C ALA D 340 -11.13 36.47 21.13
N MET D 341 -11.32 35.21 20.74
CA MET D 341 -12.38 34.85 19.81
C MET D 341 -13.75 34.88 20.46
N SER D 342 -13.82 34.88 21.79
CA SER D 342 -15.11 34.98 22.46
C SER D 342 -15.78 36.31 22.15
N LEU D 343 -15.01 37.40 22.17
CA LEU D 343 -15.57 38.74 22.04
C LEU D 343 -15.00 39.53 20.87
N THR D 344 -14.30 38.87 19.93
CA THR D 344 -13.81 39.59 18.76
C THR D 344 -14.94 40.28 18.00
N THR D 345 -16.07 39.59 17.83
CA THR D 345 -17.17 40.16 17.03
C THR D 345 -17.72 41.42 17.68
N THR D 346 -18.03 41.35 18.97
CA THR D 346 -18.59 42.52 19.65
C THR D 346 -17.58 43.63 19.75
N PHE D 347 -16.29 43.30 19.93
CA PHE D 347 -15.27 44.33 19.98
C PHE D 347 -15.15 45.05 18.64
N LEU D 348 -15.19 44.31 17.54
CA LEU D 348 -15.13 44.96 16.23
C LEU D 348 -16.38 45.79 15.97
N ILE D 349 -17.54 45.32 16.43
CA ILE D 349 -18.78 46.07 16.21
C ILE D 349 -18.76 47.37 16.99
N ARG D 350 -18.40 47.32 18.27
CA ARG D 350 -18.53 48.46 19.18
C ARG D 350 -17.19 49.10 19.52
N GLY D 351 -16.20 48.31 19.94
CA GLY D 351 -14.95 48.90 20.41
C GLY D 351 -14.24 49.71 19.36
N VAL D 352 -14.08 49.14 18.16
CA VAL D 352 -13.47 49.86 17.04
C VAL D 352 -14.51 50.51 16.14
N GLY D 353 -15.80 50.22 16.36
CA GLY D 353 -16.88 50.91 15.68
C GLY D 353 -16.99 50.66 14.19
N PHE D 354 -16.82 49.42 13.75
CA PHE D 354 -17.01 49.09 12.36
C PHE D 354 -18.48 48.76 12.07
N ASP D 355 -18.84 48.83 10.79
CA ASP D 355 -20.15 48.38 10.34
C ASP D 355 -20.22 46.86 10.44
N ALA D 356 -21.43 46.35 10.72
CA ALA D 356 -21.62 44.92 10.91
C ALA D 356 -21.25 44.13 9.67
N GLY D 357 -21.65 44.60 8.49
CA GLY D 357 -21.34 43.86 7.27
C GLY D 357 -19.85 43.82 6.99
N GLU D 358 -19.16 44.93 7.23
CA GLU D 358 -17.71 44.95 7.05
C GLU D 358 -17.04 43.92 7.95
N VAL D 359 -17.43 43.89 9.24
CA VAL D 359 -16.85 42.93 10.17
C VAL D 359 -17.15 41.51 9.71
N GLY D 360 -18.39 41.25 9.30
CA GLY D 360 -18.74 39.92 8.86
C GLY D 360 -17.89 39.45 7.68
N MET D 361 -17.76 40.31 6.66
CA MET D 361 -16.99 39.90 5.49
C MET D 361 -15.50 39.73 5.83
N VAL D 362 -14.93 40.68 6.57
CA VAL D 362 -13.49 40.61 6.85
C VAL D 362 -13.19 39.39 7.72
N ASN D 363 -14.00 39.12 8.73
CA ASN D 363 -13.80 37.93 9.52
C ASN D 363 -13.92 36.68 8.66
N LYS D 364 -15.09 36.51 8.01
CA LYS D 364 -15.34 35.29 7.27
C LYS D 364 -14.19 34.98 6.32
N THR D 365 -13.67 35.98 5.59
CA THR D 365 -12.62 35.72 4.61
C THR D 365 -11.21 35.67 5.21
N LEU D 366 -10.81 36.72 5.93
CA LEU D 366 -9.43 36.81 6.39
C LEU D 366 -9.17 35.89 7.56
N GLY D 367 -10.09 35.80 8.52
CA GLY D 367 -9.87 34.91 9.65
C GLY D 367 -9.78 33.45 9.22
N TRP D 368 -10.66 33.03 8.32
CA TRP D 368 -10.61 31.65 7.84
C TRP D 368 -9.31 31.39 7.09
N ILE D 369 -8.95 32.27 6.14
CA ILE D 369 -7.72 32.01 5.40
C ILE D 369 -6.50 32.05 6.30
N ALA D 370 -6.52 32.91 7.33
CA ALA D 370 -5.37 33.04 8.22
C ALA D 370 -5.26 31.84 9.15
N THR D 371 -6.39 31.32 9.64
CA THR D 371 -6.33 30.10 10.44
C THR D 371 -5.81 28.94 9.61
N ILE D 372 -6.25 28.83 8.36
CA ILE D 372 -5.78 27.73 7.51
C ILE D 372 -4.28 27.85 7.26
N ILE D 373 -3.81 29.05 6.90
CA ILE D 373 -2.40 29.22 6.59
C ILE D 373 -1.55 29.04 7.83
N GLY D 374 -2.02 29.52 8.99
CA GLY D 374 -1.32 29.29 10.23
C GLY D 374 -1.26 27.82 10.59
N ALA D 375 -2.34 27.08 10.31
CA ALA D 375 -2.33 25.64 10.54
C ALA D 375 -1.22 24.98 9.73
N LEU D 376 -1.18 25.28 8.43
CA LEU D 376 -0.16 24.67 7.57
C LEU D 376 1.25 25.06 8.02
N TYR D 377 1.47 26.35 8.30
CA TYR D 377 2.80 26.82 8.67
C TYR D 377 3.23 26.24 10.02
N GLY D 378 2.30 26.16 10.97
CA GLY D 378 2.60 25.50 12.22
C GLY D 378 2.99 24.04 12.00
N GLY D 379 2.27 23.34 11.13
CA GLY D 379 2.60 21.94 10.87
C GLY D 379 3.98 21.77 10.25
N VAL D 380 4.34 22.63 9.30
CA VAL D 380 5.65 22.51 8.68
C VAL D 380 6.74 22.85 9.69
N LEU D 381 6.49 23.84 10.56
CA LEU D 381 7.42 24.09 11.65
C LEU D 381 7.50 22.91 12.61
N MET D 382 6.40 22.17 12.78
CA MET D 382 6.41 21.00 13.64
C MET D 382 7.27 19.89 13.08
N GLN D 383 7.17 19.63 11.77
CA GLN D 383 8.08 18.64 11.21
C GLN D 383 9.52 19.17 11.18
N ARG D 384 9.70 20.49 11.16
CA ARG D 384 11.05 21.05 11.29
C ARG D 384 11.55 20.95 12.73
N LEU D 385 10.72 21.28 13.71
CA LEU D 385 11.15 21.55 15.07
C LEU D 385 10.31 20.75 16.06
N SER D 386 10.91 20.44 17.22
CA SER D 386 10.30 19.55 18.19
C SER D 386 8.98 20.11 18.71
N LEU D 387 8.20 19.24 19.35
CA LEU D 387 6.86 19.60 19.79
C LEU D 387 6.87 20.70 20.84
N PHE D 388 7.72 20.55 21.87
CA PHE D 388 7.69 21.51 22.97
C PHE D 388 8.11 22.91 22.51
N ARG D 389 9.19 23.00 21.76
CA ARG D 389 9.64 24.32 21.31
C ARG D 389 8.63 24.97 20.38
N ALA D 390 8.02 24.19 19.50
CA ALA D 390 7.01 24.74 18.61
C ALA D 390 5.78 25.22 19.38
N LEU D 391 5.34 24.45 20.36
CA LEU D 391 4.23 24.90 21.21
C LEU D 391 4.60 26.18 21.95
N LEU D 392 5.85 26.26 22.41
CA LEU D 392 6.32 27.46 23.11
C LEU D 392 6.24 28.69 22.19
N ILE D 393 6.79 28.56 20.98
CA ILE D 393 6.79 29.68 20.05
C ILE D 393 5.37 30.07 19.69
N PHE D 394 4.50 29.09 19.43
CA PHE D 394 3.14 29.39 19.01
C PHE D 394 2.32 29.99 20.13
N GLY D 395 2.54 29.56 21.37
CA GLY D 395 1.85 30.20 22.50
C GLY D 395 2.31 31.62 22.72
N ILE D 396 3.62 31.87 22.62
CA ILE D 396 4.11 33.24 22.73
C ILE D 396 3.52 34.11 21.63
N LEU D 397 3.43 33.56 20.42
CA LEU D 397 2.84 34.31 19.32
C LEU D 397 1.35 34.53 19.54
N GLN D 398 0.64 33.58 20.15
CA GLN D 398 -0.76 33.80 20.52
C GLN D 398 -0.89 34.98 21.48
N GLY D 399 -0.02 35.03 22.50
CA GLY D 399 -0.04 36.14 23.43
C GLY D 399 0.23 37.47 22.75
N VAL D 400 1.24 37.51 21.88
CA VAL D 400 1.55 38.76 21.20
C VAL D 400 0.46 39.13 20.20
N SER D 401 -0.31 38.16 19.71
CA SER D 401 -1.46 38.49 18.86
C SER D 401 -2.57 39.13 19.66
N ASN D 402 -2.83 38.63 20.87
CA ASN D 402 -3.76 39.33 21.75
C ASN D 402 -3.24 40.73 22.07
N ALA D 403 -1.92 40.89 22.17
CA ALA D 403 -1.35 42.23 22.30
C ALA D 403 -1.65 43.08 21.08
N GLY D 404 -1.64 42.46 19.90
CA GLY D 404 -2.05 43.18 18.70
C GLY D 404 -3.50 43.61 18.75
N TYR D 405 -4.36 42.78 19.35
CA TYR D 405 -5.74 43.19 19.58
C TYR D 405 -5.81 44.41 20.51
N TRP D 406 -4.96 44.44 21.54
CA TRP D 406 -4.88 45.64 22.37
C TRP D 406 -4.44 46.85 21.56
N LEU D 407 -3.47 46.65 20.66
CA LEU D 407 -3.09 47.71 19.74
C LEU D 407 -4.30 48.20 18.95
N LEU D 408 -5.11 47.27 18.44
CA LEU D 408 -6.28 47.65 17.67
C LEU D 408 -7.25 48.48 18.50
N SER D 409 -7.51 48.05 19.74
CA SER D 409 -8.47 48.76 20.58
C SER D 409 -8.00 50.17 20.87
N ILE D 410 -6.71 50.35 21.20
CA ILE D 410 -6.22 51.70 21.48
C ILE D 410 -6.18 52.54 20.20
N THR D 411 -5.83 51.94 19.07
CA THR D 411 -5.62 52.67 17.83
C THR D 411 -6.95 53.07 17.18
N ASP D 412 -6.95 54.23 16.52
CA ASP D 412 -8.11 54.70 15.77
C ASP D 412 -8.51 53.67 14.71
N LYS D 413 -9.78 53.72 14.33
CA LYS D 413 -10.33 52.67 13.46
C LYS D 413 -9.76 52.78 12.05
N HIS D 414 -9.37 51.64 11.50
CA HIS D 414 -8.90 51.53 10.13
C HIS D 414 -9.19 50.12 9.64
N LEU D 415 -9.73 50.00 8.43
CA LEU D 415 -10.00 48.69 7.87
C LEU D 415 -8.71 47.90 7.64
N MET D 416 -7.67 48.58 7.14
CA MET D 416 -6.43 47.86 6.82
C MET D 416 -5.70 47.41 8.07
N SER D 417 -5.61 48.27 9.09
CA SER D 417 -4.95 47.87 10.33
C SER D 417 -5.69 46.71 10.98
N MET D 418 -7.03 46.77 10.98
CA MET D 418 -7.82 45.66 11.49
C MET D 418 -7.58 44.40 10.68
N ALA D 419 -7.48 44.53 9.36
CA ALA D 419 -7.24 43.37 8.50
C ALA D 419 -5.92 42.70 8.87
N VAL D 420 -4.85 43.48 8.94
CA VAL D 420 -3.53 42.89 9.21
C VAL D 420 -3.46 42.33 10.62
N ALA D 421 -4.09 43.00 11.60
CA ALA D 421 -4.01 42.54 12.97
C ALA D 421 -4.83 41.27 13.18
N VAL D 422 -6.05 41.21 12.62
CA VAL D 422 -6.86 40.01 12.73
C VAL D 422 -6.23 38.87 11.95
N PHE D 423 -5.58 39.18 10.81
CA PHE D 423 -4.87 38.14 10.09
C PHE D 423 -3.74 37.57 10.92
N PHE D 424 -2.99 38.43 11.62
CA PHE D 424 -1.93 37.94 12.50
C PHE D 424 -2.50 37.11 13.64
N GLU D 425 -3.61 37.56 14.24
CA GLU D 425 -4.20 36.83 15.35
C GLU D 425 -4.67 35.45 14.91
N ASN D 426 -5.35 35.37 13.77
CA ASN D 426 -5.83 34.08 13.29
C ASN D 426 -4.70 33.22 12.74
N LEU D 427 -3.63 33.85 12.26
CA LEU D 427 -2.43 33.11 11.88
C LEU D 427 -1.85 32.38 13.09
N CYS D 428 -1.62 33.12 14.18
CA CYS D 428 -1.12 32.50 15.39
C CYS D 428 -2.13 31.52 15.97
N GLY D 429 -3.42 31.79 15.81
CA GLY D 429 -4.43 30.84 16.24
C GLY D 429 -4.36 29.53 15.49
N GLY D 430 -4.15 29.59 14.17
CA GLY D 430 -4.00 28.37 13.40
C GLY D 430 -2.74 27.60 13.74
N MET D 431 -1.63 28.32 13.94
CA MET D 431 -0.39 27.64 14.34
C MET D 431 -0.53 26.98 15.71
N GLY D 432 -1.11 27.70 16.67
CA GLY D 432 -1.36 27.13 17.98
C GLY D 432 -2.34 25.98 17.93
N THR D 433 -3.34 26.06 17.04
CA THR D 433 -4.29 24.97 16.88
C THR D 433 -3.61 23.71 16.36
N ALA D 434 -2.76 23.86 15.33
CA ALA D 434 -2.04 22.71 14.81
C ALA D 434 -1.12 22.12 15.87
N ALA D 435 -0.39 22.97 16.59
CA ALA D 435 0.50 22.47 17.63
C ALA D 435 -0.28 21.82 18.77
N PHE D 436 -1.47 22.34 19.07
CA PHE D 436 -2.25 21.80 20.18
C PHE D 436 -2.87 20.46 19.81
N VAL D 437 -3.36 20.32 18.58
CA VAL D 437 -3.85 19.02 18.14
C VAL D 437 -2.70 18.02 18.08
N ALA D 438 -1.51 18.48 17.69
CA ALA D 438 -0.33 17.61 17.72
C ALA D 438 -0.02 17.18 19.15
N LEU D 439 -0.13 18.09 20.11
CA LEU D 439 0.08 17.74 21.51
C LEU D 439 -0.96 16.73 21.99
N LEU D 440 -2.22 16.93 21.62
CA LEU D 440 -3.28 15.98 21.98
C LEU D 440 -2.96 14.59 21.44
N MET D 441 -2.56 14.51 20.18
CA MET D 441 -2.21 13.23 19.58
C MET D 441 -0.96 12.64 20.23
N THR D 442 -0.03 13.49 20.67
CA THR D 442 1.16 13.02 21.37
C THR D 442 0.80 12.37 22.69
N LEU D 443 -0.15 12.98 23.41
CA LEU D 443 -0.47 12.49 24.76
C LEU D 443 -1.15 11.14 24.74
N CYS D 444 -1.98 10.86 23.73
CA CYS D 444 -2.73 9.61 23.71
C CYS D 444 -1.79 8.41 23.70
N ASN D 445 -2.12 7.39 24.49
CA ASN D 445 -1.32 6.18 24.56
C ASN D 445 -1.54 5.26 23.38
N LYS D 446 -2.43 5.66 22.47
CA LYS D 446 -2.80 4.97 21.22
C LYS D 446 -3.52 3.66 21.49
N SER D 447 -3.17 2.98 22.59
CA SER D 447 -3.83 1.71 22.90
C SER D 447 -5.31 1.97 23.03
N PHE D 448 -5.65 3.06 23.69
CA PHE D 448 -6.97 3.65 23.69
C PHE D 448 -6.80 5.15 23.39
N SER D 449 -6.67 5.49 22.11
CA SER D 449 -6.51 6.88 21.73
C SER D 449 -7.86 7.59 21.64
N ALA D 450 -8.93 6.84 21.38
CA ALA D 450 -10.25 7.46 21.29
C ALA D 450 -10.65 8.10 22.61
N THR D 451 -10.58 7.34 23.70
CA THR D 451 -11.05 7.85 24.99
C THR D 451 -10.15 8.95 25.52
N GLN D 452 -8.83 8.75 25.44
CA GLN D 452 -7.91 9.77 25.95
C GLN D 452 -7.99 11.04 25.11
N PHE D 453 -8.07 10.92 23.79
CA PHE D 453 -8.18 12.09 22.94
C PHE D 453 -9.51 12.82 23.19
N ALA D 454 -10.59 12.08 23.39
CA ALA D 454 -11.87 12.71 23.70
C ALA D 454 -11.81 13.43 25.04
N LEU D 455 -11.15 12.82 26.03
CA LEU D 455 -10.96 13.48 27.32
C LEU D 455 -10.19 14.78 27.14
N LEU D 456 -9.11 14.76 26.35
CA LEU D 456 -8.29 15.95 26.17
C LEU D 456 -9.03 17.02 25.36
N SER D 457 -9.85 16.60 24.39
CA SER D 457 -10.64 17.56 23.64
C SER D 457 -11.70 18.23 24.52
N ALA D 458 -12.36 17.45 25.37
CA ALA D 458 -13.29 18.04 26.33
C ALA D 458 -12.55 18.95 27.30
N LEU D 459 -11.32 18.58 27.66
CA LEU D 459 -10.48 19.41 28.51
C LEU D 459 -10.21 20.76 27.86
N SER D 460 -9.87 20.75 26.58
CA SER D 460 -9.62 21.99 25.86
C SER D 460 -10.89 22.83 25.74
N ALA D 461 -12.03 22.17 25.50
CA ALA D 461 -13.28 22.89 25.33
C ALA D 461 -13.84 23.44 26.63
N VAL D 462 -13.48 22.84 27.78
CA VAL D 462 -14.03 23.32 29.04
C VAL D 462 -13.52 24.73 29.36
N GLY D 463 -12.26 24.99 28.99
CA GLY D 463 -11.75 26.35 29.09
C GLY D 463 -12.56 27.31 28.23
N ARG D 464 -12.76 26.96 26.96
CA ARG D 464 -13.49 27.83 26.04
C ARG D 464 -14.89 28.14 26.55
N VAL D 465 -15.58 27.10 27.06
CA VAL D 465 -16.95 27.29 27.54
C VAL D 465 -16.96 28.28 28.70
N TYR D 466 -16.05 28.13 29.66
CA TYR D 466 -16.07 29.06 30.79
C TYR D 466 -15.45 30.42 30.46
N VAL D 467 -14.81 30.56 29.29
CA VAL D 467 -14.17 31.82 28.92
C VAL D 467 -15.19 32.94 28.71
N GLY D 468 -16.29 32.64 28.00
CA GLY D 468 -17.25 33.63 27.58
C GLY D 468 -17.71 34.61 28.63
N PRO D 469 -18.26 34.10 29.74
CA PRO D 469 -18.70 35.03 30.81
C PRO D 469 -17.56 35.88 31.34
N ILE D 470 -16.43 35.28 31.70
CA ILE D 470 -15.35 36.04 32.31
C ILE D 470 -14.90 37.16 31.38
N ALA D 471 -14.86 36.89 30.08
CA ALA D 471 -14.58 37.94 29.11
C ALA D 471 -15.63 39.04 29.14
N GLY D 472 -16.92 38.66 29.21
CA GLY D 472 -17.96 39.67 29.24
C GLY D 472 -17.90 40.54 30.48
N TRP D 473 -17.72 39.92 31.64
CA TRP D 473 -17.59 40.67 32.89
C TRP D 473 -16.36 41.57 32.84
N PHE D 474 -15.26 41.08 32.27
CA PHE D 474 -14.05 41.89 32.20
C PHE D 474 -14.24 43.11 31.30
N VAL D 475 -14.86 42.93 30.13
CA VAL D 475 -15.02 44.07 29.23
C VAL D 475 -16.01 45.07 29.82
N GLU D 476 -17.07 44.59 30.48
CA GLU D 476 -18.03 45.52 31.06
C GLU D 476 -17.43 46.25 32.25
N ALA D 477 -16.49 45.63 32.97
CA ALA D 477 -15.92 46.27 34.15
C ALA D 477 -14.79 47.23 33.81
N HIS D 478 -13.87 46.80 32.94
CA HIS D 478 -12.62 47.52 32.73
C HIS D 478 -12.43 48.06 31.32
N GLY D 479 -13.26 47.67 30.35
CA GLY D 479 -13.10 48.13 28.99
C GLY D 479 -12.34 47.13 28.14
N TRP D 480 -12.22 47.47 26.86
CA TRP D 480 -11.65 46.54 25.89
C TRP D 480 -10.12 46.50 25.89
N PRO D 481 -9.41 47.63 25.87
CA PRO D 481 -7.93 47.52 25.90
C PRO D 481 -7.38 46.84 27.14
N THR D 482 -7.92 47.16 28.32
CA THR D 482 -7.51 46.45 29.52
C THR D 482 -7.86 44.98 29.44
N PHE D 483 -9.02 44.67 28.83
CA PHE D 483 -9.41 43.28 28.66
C PHE D 483 -8.41 42.52 27.81
N TYR D 484 -7.92 43.14 26.73
CA TYR D 484 -6.97 42.44 25.87
C TYR D 484 -5.58 42.36 26.49
N LEU D 485 -5.20 43.36 27.30
CA LEU D 485 -3.96 43.23 28.06
C LEU D 485 -4.03 42.04 29.02
N PHE D 486 -5.16 41.92 29.74
CA PHE D 486 -5.36 40.76 30.59
C PHE D 486 -5.46 39.48 29.77
N SER D 487 -5.93 39.57 28.53
CA SER D 487 -5.96 38.39 27.66
C SER D 487 -4.56 37.90 27.36
N VAL D 488 -3.62 38.82 27.09
CA VAL D 488 -2.22 38.42 26.92
C VAL D 488 -1.69 37.82 28.20
N PHE D 489 -1.93 38.47 29.33
CA PHE D 489 -1.39 38.00 30.60
C PHE D 489 -2.04 36.70 31.05
N ALA D 490 -3.19 36.34 30.49
CA ALA D 490 -3.83 35.06 30.76
C ALA D 490 -3.46 33.99 29.75
N ALA D 491 -3.00 34.39 28.55
CA ALA D 491 -2.35 33.45 27.67
C ALA D 491 -0.96 33.08 28.18
N VAL D 492 -0.38 33.93 29.02
CA VAL D 492 0.93 33.62 29.60
C VAL D 492 0.94 32.32 30.40
N PRO D 493 -0.02 32.05 31.30
CA PRO D 493 0.07 30.81 32.11
C PRO D 493 0.14 29.52 31.32
N GLY D 494 -0.49 29.45 30.14
CA GLY D 494 -0.31 28.27 29.31
C GLY D 494 1.12 28.07 28.92
N ILE D 495 1.80 29.15 28.51
CA ILE D 495 3.22 29.10 28.21
C ILE D 495 4.02 28.70 29.44
N LEU D 496 3.66 29.23 30.61
CA LEU D 496 4.37 28.90 31.84
C LEU D 496 4.25 27.41 32.15
N LEU D 497 3.05 26.85 32.01
CA LEU D 497 2.86 25.43 32.28
C LEU D 497 3.57 24.58 31.26
N LEU D 498 3.63 25.03 30.00
CA LEU D 498 4.44 24.34 29.00
C LEU D 498 5.91 24.31 29.42
N LEU D 499 6.42 25.43 29.92
CA LEU D 499 7.80 25.46 30.39
C LEU D 499 7.98 24.52 31.58
N ILE D 500 6.97 24.42 32.44
CA ILE D 500 7.05 23.54 33.60
C ILE D 500 7.15 22.08 33.15
N CYS D 501 6.29 21.67 32.22
CA CYS D 501 6.22 20.28 31.78
C CYS D 501 7.08 20.01 30.54
N ARG D 502 8.00 20.92 30.21
CA ARG D 502 8.89 20.70 29.08
C ARG D 502 9.73 19.44 29.23
N LYS D 503 10.12 19.08 30.45
CA LYS D 503 10.88 17.84 30.64
C LYS D 503 10.07 16.64 30.18
N THR D 504 8.81 16.55 30.63
CA THR D 504 7.95 15.44 30.23
C THR D 504 7.70 15.46 28.72
N LEU D 505 7.46 16.65 28.17
CA LEU D 505 7.16 16.73 26.75
C LEU D 505 8.36 16.26 25.92
N GLU D 506 9.56 16.73 26.25
CA GLU D 506 10.74 16.33 25.49
C GLU D 506 11.03 14.84 25.68
N TYR D 507 10.85 14.32 26.89
CA TYR D 507 11.02 12.89 27.11
C TYR D 507 10.08 12.08 26.22
N THR D 508 8.80 12.48 26.18
CA THR D 508 7.83 11.77 25.37
C THR D 508 8.15 11.88 23.89
N GLN D 509 8.60 13.06 23.44
CA GLN D 509 8.96 13.22 22.04
C GLN D 509 10.11 12.30 21.66
N GLN D 510 11.13 12.22 22.50
CA GLN D 510 12.31 11.44 22.12
C GLN D 510 12.09 9.93 22.27
N THR D 511 11.39 9.50 23.32
CA THR D 511 11.25 8.07 23.59
C THR D 511 9.92 7.50 23.14
N GLU D 512 8.97 8.34 22.74
CA GLU D 512 7.62 7.94 22.31
C GLU D 512 6.82 7.26 23.42
N SER D 513 7.23 7.43 24.68
CA SER D 513 6.57 6.78 25.79
C SER D 513 6.53 7.74 26.98
N PHE D 514 5.69 7.39 27.96
CA PHE D 514 5.49 8.19 29.15
C PHE D 514 5.95 7.44 30.39
N MET D 515 6.55 8.15 31.33
CA MET D 515 6.78 7.59 32.65
C MET D 515 5.46 7.52 33.41
N MET D 516 5.29 6.47 34.20
CA MET D 516 4.17 6.38 35.13
C MET D 516 4.68 6.70 36.52
N ARG D 517 3.98 7.59 37.22
CA ARG D 517 4.47 8.12 38.48
C ARG D 517 4.68 7.00 39.49
N ARG D 518 5.89 6.91 40.02
CA ARG D 518 6.18 6.03 41.14
C ARG D 518 6.22 6.77 42.47
N HIS D 519 5.94 8.08 42.46
CA HIS D 519 6.00 8.89 43.66
C HIS D 519 4.72 8.83 44.48
N PHE D 520 3.68 8.17 43.99
CA PHE D 520 2.41 8.13 44.70
C PHE D 520 2.55 7.35 46.01
N SER D 521 2.32 8.02 47.12
CA SER D 521 2.24 7.32 48.41
C SER D 521 0.85 7.42 49.01
N GLY D 522 0.37 8.62 49.34
CA GLY D 522 -1.01 8.80 49.74
C GLY D 522 -1.74 9.92 49.04
N ALA D 523 -1.00 10.94 48.59
CA ALA D 523 -1.64 12.17 48.12
C ALA D 523 -2.23 12.03 46.73
N TYR D 524 -1.60 11.24 45.86
CA TYR D 524 -2.11 11.05 44.51
C TYR D 524 -3.49 10.39 44.53
N GLN D 525 -3.66 9.38 45.40
CA GLN D 525 -4.98 8.76 45.54
C GLN D 525 -6.00 9.75 46.08
N PHE D 526 -5.56 10.63 46.98
CA PHE D 526 -6.46 11.65 47.51
C PHE D 526 -6.94 12.60 46.40
N ALA D 527 -6.02 13.05 45.54
CA ALA D 527 -6.40 13.92 44.44
C ALA D 527 -7.31 13.19 43.44
N LEU D 528 -7.04 11.91 43.20
CA LEU D 528 -7.91 11.13 42.33
C LEU D 528 -9.31 11.02 42.92
N TYR D 529 -9.41 10.81 44.23
CA TYR D 529 -10.72 10.79 44.88
C TYR D 529 -11.41 12.13 44.76
N LEU D 530 -10.67 13.22 44.89
CA LEU D 530 -11.27 14.55 44.74
C LEU D 530 -11.83 14.73 43.33
N LEU D 531 -11.08 14.31 42.32
CA LEU D 531 -11.59 14.42 40.95
C LEU D 531 -12.82 13.56 40.76
N LEU D 532 -12.80 12.32 41.25
CA LEU D 532 -13.94 11.43 41.11
C LEU D 532 -15.18 12.02 41.78
N LEU D 533 -15.00 12.62 42.97
CA LEU D 533 -16.10 13.30 43.62
C LEU D 533 -16.61 14.46 42.77
N GLY D 534 -15.71 15.22 42.15
CA GLY D 534 -16.14 16.31 41.29
C GLY D 534 -16.95 15.82 40.11
N CYS D 535 -16.53 14.72 39.49
CA CYS D 535 -17.26 14.16 38.36
C CYS D 535 -18.63 13.65 38.79
N LEU D 536 -18.70 12.99 39.96
CA LEU D 536 -20.00 12.53 40.45
C LEU D 536 -20.92 13.69 40.76
N LEU D 537 -20.38 14.78 41.32
CA LEU D 537 -21.19 15.97 41.56
C LEU D 537 -21.66 16.58 40.25
N LEU D 538 -20.81 16.56 39.22
CA LEU D 538 -21.23 17.04 37.90
C LEU D 538 -22.38 16.21 37.35
N ALA D 539 -22.30 14.89 37.49
CA ALA D 539 -23.37 14.03 37.01
C ALA D 539 -24.67 14.27 37.79
N LEU D 540 -24.56 14.42 39.11
CA LEU D 540 -25.74 14.70 39.92
C LEU D 540 -26.35 16.05 39.55
N TRP D 541 -25.51 17.05 39.30
CA TRP D 541 -26.01 18.35 38.86
C TRP D 541 -26.67 18.25 37.49
N LEU D 542 -26.16 17.38 36.61
CA LEU D 542 -26.82 17.16 35.33
C LEU D 542 -28.19 16.54 35.51
N ILE D 543 -28.30 15.59 36.44
CA ILE D 543 -29.62 15.02 36.75
C ILE D 543 -30.56 16.11 37.25
N MET D 544 -30.05 16.99 38.12
CA MET D 544 -30.87 18.10 38.61
C MET D 544 -31.24 19.05 37.48
N LEU D 545 -30.33 19.26 36.53
CA LEU D 545 -30.63 20.12 35.39
C LEU D 545 -31.75 19.53 34.54
N ALA D 546 -31.73 18.21 34.34
CA ALA D 546 -32.82 17.55 33.63
C ALA D 546 -34.13 17.70 34.40
N LEU D 547 -34.08 17.54 35.72
CA LEU D 547 -35.31 17.69 36.52
C LEU D 547 -35.85 19.11 36.44
N ASN D 548 -34.98 20.11 36.49
CA ASN D 548 -35.43 21.49 36.37
C ASN D 548 -35.97 21.78 34.98
N ALA D 549 -35.34 21.20 33.94
CA ALA D 549 -35.81 21.40 32.58
C ALA D 549 -37.20 20.80 32.38
N ILE D 550 -37.44 19.60 32.93
CA ILE D 550 -38.78 19.03 32.84
C ILE D 550 -39.76 19.81 33.70
N ASP D 551 -39.26 20.59 34.67
CA ASP D 551 -39.99 21.55 35.49
C ASP D 551 -40.97 20.90 36.45
N TYR D 552 -40.92 19.59 36.64
CA TYR D 552 -41.76 18.95 37.65
C TYR D 552 -41.38 19.47 39.04
N THR D 553 -40.09 19.48 39.36
CA THR D 553 -39.60 20.06 40.59
C THR D 553 -38.29 20.77 40.30
N SER D 554 -38.07 21.90 40.96
CA SER D 554 -36.85 22.69 40.79
C SER D 554 -36.33 23.11 42.15
N PHE D 555 -35.03 22.94 42.36
CA PHE D 555 -34.37 23.35 43.59
C PHE D 555 -33.29 24.36 43.25
N SER D 556 -33.31 25.51 43.92
CA SER D 556 -32.38 26.59 43.61
C SER D 556 -30.95 26.27 44.01
N PHE D 557 -30.73 25.26 44.86
CA PHE D 557 -29.39 24.98 45.35
C PHE D 557 -28.46 24.42 44.28
N LEU D 558 -28.98 24.11 43.09
CA LEU D 558 -28.15 23.53 42.05
C LEU D 558 -27.00 24.45 41.66
N ALA D 559 -27.23 25.76 41.68
CA ALA D 559 -26.16 26.69 41.36
C ALA D 559 -25.04 26.58 42.39
N GLY D 560 -25.39 26.57 43.68
CA GLY D 560 -24.37 26.39 44.68
C GLY D 560 -23.69 25.05 44.54
N LEU D 561 -24.46 24.04 44.12
CA LEU D 561 -23.86 22.73 43.92
C LEU D 561 -22.82 22.82 42.82
N LEU D 562 -23.14 23.54 41.74
CA LEU D 562 -22.18 23.69 40.66
C LEU D 562 -20.92 24.36 41.17
N GLU D 563 -21.09 25.43 41.97
CA GLU D 563 -19.90 26.16 42.38
C GLU D 563 -19.07 25.29 43.30
N VAL D 564 -19.74 24.53 44.18
CA VAL D 564 -18.98 23.72 45.11
C VAL D 564 -18.27 22.62 44.36
N ALA D 565 -18.95 22.05 43.35
CA ALA D 565 -18.33 20.97 42.62
C ALA D 565 -17.12 21.51 41.87
N ALA D 566 -17.25 22.72 41.31
CA ALA D 566 -16.13 23.26 40.57
C ALA D 566 -14.98 23.51 41.53
N LEU D 567 -15.29 24.00 42.73
CA LEU D 567 -14.22 24.29 43.67
C LEU D 567 -13.50 23.00 44.01
N ILE D 568 -14.25 21.94 44.27
CA ILE D 568 -13.58 20.72 44.70
C ILE D 568 -12.78 20.16 43.55
N ALA D 569 -13.33 20.26 42.33
CA ALA D 569 -12.63 19.69 41.21
C ALA D 569 -11.34 20.43 40.98
N ILE D 570 -11.40 21.77 41.08
CA ILE D 570 -10.18 22.50 40.77
C ILE D 570 -9.20 22.30 41.89
N ALA D 571 -9.71 22.09 43.11
CA ALA D 571 -8.79 21.86 44.20
C ALA D 571 -8.03 20.56 43.95
N GLY D 572 -8.74 19.52 43.52
CA GLY D 572 -8.06 18.28 43.24
C GLY D 572 -7.07 18.47 42.11
N VAL D 573 -7.45 19.26 41.11
CA VAL D 573 -6.59 19.41 39.96
C VAL D 573 -5.31 20.12 40.38
N LEU D 574 -5.44 21.16 41.20
CA LEU D 574 -4.24 21.90 41.54
C LEU D 574 -3.39 21.07 42.48
N LEU D 575 -4.04 20.27 43.33
CA LEU D 575 -3.27 19.46 44.24
C LEU D 575 -2.48 18.45 43.42
N GLY D 576 -3.12 17.85 42.42
CA GLY D 576 -2.43 16.87 41.63
C GLY D 576 -1.35 17.53 40.83
N ALA D 577 -1.59 18.77 40.37
CA ALA D 577 -0.58 19.42 39.56
C ALA D 577 0.64 19.74 40.40
N ILE D 578 0.41 20.14 41.65
CA ILE D 578 1.57 20.46 42.47
C ILE D 578 2.32 19.18 42.77
N LEU D 579 1.59 18.08 42.98
CA LEU D 579 2.27 16.81 43.21
C LEU D 579 3.04 16.41 41.96
N ASP D 580 2.47 16.71 40.80
CA ASP D 580 3.11 16.29 39.57
C ASP D 580 4.39 17.09 39.37
N TYR D 581 4.35 18.38 39.70
CA TYR D 581 5.56 19.17 39.55
C TYR D 581 6.59 18.69 40.53
N LEU D 582 6.16 18.30 41.73
CA LEU D 582 7.12 17.82 42.71
C LEU D 582 7.73 16.52 42.22
N ALA D 583 6.93 15.68 41.56
CA ALA D 583 7.47 14.42 41.10
C ALA D 583 8.46 14.67 39.98
N LEU D 584 8.17 15.65 39.13
CA LEU D 584 9.12 15.97 38.07
C LEU D 584 10.41 16.48 38.68
N ARG D 585 10.29 17.29 39.73
CA ARG D 585 11.48 17.82 40.36
C ARG D 585 12.29 16.69 40.97
N ARG D 586 11.59 15.71 41.55
CA ARG D 586 12.29 14.59 42.17
C ARG D 586 13.00 13.78 41.11
N THR D 587 12.36 13.60 39.95
CA THR D 587 13.01 12.83 38.90
C THR D 587 14.20 13.60 38.36
N GLU D 588 14.15 14.93 38.41
CA GLU D 588 15.24 15.73 37.87
C GLU D 588 16.51 15.51 38.65
N GLU D 589 16.41 15.42 39.97
CA GLU D 589 17.57 15.22 40.83
C GLU D 589 17.62 13.79 41.35
#